data_4BFB
#
_entry.id   4BFB
#
_cell.length_a   62.075
_cell.length_b   71.911
_cell.length_c   214.111
_cell.angle_alpha   90.00
_cell.angle_beta   90.00
_cell.angle_gamma   90.00
#
_symmetry.space_group_name_H-M   'P 21 21 21'
#
loop_
_entity.id
_entity.type
_entity.pdbx_description
1 polymer 'BETA-SECRETASE 2'
2 polymer XA4813
3 non-polymer 2-[3-(2-HYDROXY-1,1-DIHYDROXYMETHYL-ETHYLAMINO)-PROPYLAMINO]-2-HYDROXYMETHYL-PROPANE-1,3-DIOL
4 water water
#
loop_
_entity_poly.entity_id
_entity_poly.type
_entity_poly.pdbx_seq_one_letter_code
_entity_poly.pdbx_strand_id
1 'polypeptide(L)'
;ANFLAMVDNLQGDSGRGYYLEMLIGTPPQKLQILVDTGSSNFAVAGTPHSYIDTYFDTERSSTYRSKGFDVTVKYTQGSW
TGFVGEDLVTIPKGFNTSFLVNIATIFESENFFLPGIKWNGILGLAYATLAKPSSSLETFFDSLVTQANIPNVFSMQMCG
AGLPVAGSGTNGGSLVLGGIEPSLYKGDIWYTPIKEEWYYQIEILKLEIGGQSLNLDCREYNADKAIVDSGTTLLRLPQK
VFDAVVEAVARASLIPEFSDGFWTGSQLACWTNSETPWSYFPKISIYLRDENSSRSFRITILPQLYIQPMMGAGLNYECY
RFGISPSTNALVIGATVMEGFYVIFDRAQKRVGFAASPCAEIAGAAVSEISGPFSTEDVASNCVPA
;
A,B
2 'polypeptide(L)'
;QVQLQESGGGLVQPGGSLRLSCAASGFTFSSAIMTWVRQAPGKGREWVSTIGSDGSITTYADSVKGRFTISRDNARNTLY
LQMNSLKPEDTAVYYCTSAGRRGPGTQVTVSSHHHHHHEPEA
;
D,E
#
# COMPACT_ATOMS: atom_id res chain seq x y z
N PHE A 3 -3.69 -15.22 25.97
CA PHE A 3 -2.38 -15.38 26.66
C PHE A 3 -2.08 -16.82 27.04
N LEU A 4 -3.11 -17.55 27.50
CA LEU A 4 -2.98 -18.96 27.91
C LEU A 4 -2.58 -19.87 26.76
N ALA A 5 -3.08 -19.54 25.56
CA ALA A 5 -2.62 -20.18 24.34
C ALA A 5 -1.11 -19.92 24.06
N MET A 6 -0.55 -18.87 24.69
CA MET A 6 0.87 -18.50 24.47
C MET A 6 1.84 -19.05 25.52
N VAL A 7 1.31 -19.64 26.59
CA VAL A 7 2.13 -20.33 27.59
C VAL A 7 2.81 -21.54 26.92
N ASP A 8 4.11 -21.69 27.16
CA ASP A 8 4.93 -22.73 26.53
C ASP A 8 4.95 -22.63 24.99
N ASN A 9 4.86 -21.41 24.47
CA ASN A 9 4.99 -21.26 23.03
C ASN A 9 6.44 -21.22 22.57
N LEU A 10 7.38 -21.34 23.49
CA LEU A 10 8.79 -21.32 23.11
C LEU A 10 9.49 -22.64 23.28
N GLN A 11 10.36 -22.98 22.33
CA GLN A 11 11.28 -24.09 22.50
C GLN A 11 12.69 -23.56 22.60
N GLY A 12 13.58 -24.35 23.18
CA GLY A 12 15.00 -24.00 23.23
C GLY A 12 15.53 -24.07 24.62
N ASP A 13 16.62 -23.35 24.88
CA ASP A 13 17.32 -23.31 26.17
C ASP A 13 18.29 -22.13 26.12
N SER A 14 18.87 -21.75 27.26
CA SER A 14 19.68 -20.53 27.31
C SER A 14 20.91 -20.61 26.41
N GLY A 15 21.67 -21.70 26.56
CA GLY A 15 22.86 -21.95 25.75
C GLY A 15 22.68 -21.69 24.27
N ARG A 16 21.58 -22.16 23.70
CA ARG A 16 21.36 -22.06 22.26
C ARG A 16 20.39 -20.96 21.83
N GLY A 17 19.59 -20.46 22.77
CA GLY A 17 18.53 -19.50 22.46
C GLY A 17 17.13 -20.11 22.50
N TYR A 18 16.13 -19.23 22.55
CA TYR A 18 14.72 -19.62 22.61
C TYR A 18 13.99 -19.24 21.33
N TYR A 19 13.13 -20.13 20.84
CA TYR A 19 12.51 -19.91 19.53
C TYR A 19 11.02 -20.14 19.43
N LEU A 20 10.43 -19.31 18.57
CA LEU A 20 9.03 -19.25 18.40
C LEU A 20 8.73 -19.84 17.02
N GLU A 21 7.57 -20.50 16.88
CA GLU A 21 7.19 -21.09 15.57
C GLU A 21 6.29 -20.15 14.80
N MET A 22 6.58 -20.02 13.50
CA MET A 22 5.86 -19.05 12.67
C MET A 22 5.52 -19.62 11.30
N LEU A 23 4.35 -19.23 10.80
CA LEU A 23 3.89 -19.62 9.47
C LEU A 23 3.90 -18.34 8.65
N ILE A 24 4.56 -18.42 7.48
CA ILE A 24 4.85 -17.26 6.68
C ILE A 24 4.45 -17.51 5.23
N GLY A 25 3.63 -16.61 4.69
CA GLY A 25 3.29 -16.65 3.26
C GLY A 25 2.12 -17.55 2.93
N THR A 26 1.70 -17.52 1.66
CA THR A 26 0.58 -18.32 1.18
C THR A 26 1.02 -19.25 0.05
N PRO A 27 0.84 -20.58 0.21
CA PRO A 27 0.52 -21.29 1.46
C PRO A 27 1.68 -21.19 2.45
N PRO A 28 1.43 -21.48 3.73
CA PRO A 28 2.44 -21.20 4.77
C PRO A 28 3.70 -22.05 4.73
N GLN A 29 4.80 -21.41 5.10
CA GLN A 29 6.06 -22.10 5.32
C GLN A 29 6.39 -21.92 6.78
N LYS A 30 6.57 -23.04 7.48
CA LYS A 30 6.82 -23.08 8.91
C LYS A 30 8.28 -22.81 9.20
N LEU A 31 8.53 -21.95 10.17
CA LEU A 31 9.88 -21.57 10.50
C LEU A 31 10.05 -21.47 12.00
N GLN A 32 11.27 -21.72 12.46
N GLN A 32 11.26 -21.76 12.46
CA GLN A 32 11.59 -21.65 13.87
CA GLN A 32 11.66 -21.64 13.87
C GLN A 32 12.39 -20.37 14.11
C GLN A 32 12.38 -20.33 14.06
N ILE A 33 11.77 -19.42 14.82
CA ILE A 33 12.27 -18.03 14.96
C ILE A 33 12.82 -17.67 16.34
N LEU A 34 14.09 -17.29 16.41
CA LEU A 34 14.73 -16.83 17.66
C LEU A 34 14.14 -15.51 18.16
N VAL A 35 14.02 -15.39 19.46
CA VAL A 35 13.37 -14.23 20.04
C VAL A 35 14.49 -13.36 20.56
N ASP A 36 14.60 -12.15 20.04
CA ASP A 36 15.74 -11.28 20.34
C ASP A 36 15.25 -9.90 20.75
N THR A 37 15.22 -9.64 22.05
CA THR A 37 14.88 -8.28 22.51
C THR A 37 16.08 -7.32 22.37
N GLY A 38 17.12 -7.72 21.64
CA GLY A 38 18.31 -6.88 21.49
C GLY A 38 18.48 -6.31 20.10
N SER A 39 17.52 -6.61 19.22
CA SER A 39 17.55 -6.12 17.86
C SER A 39 16.12 -5.84 17.40
N SER A 40 15.95 -5.33 16.18
CA SER A 40 14.69 -4.78 15.75
C SER A 40 14.23 -5.23 14.35
N ASN A 41 14.93 -6.21 13.77
CA ASN A 41 14.54 -6.74 12.47
C ASN A 41 13.96 -8.13 12.51
N PHE A 42 13.03 -8.38 11.61
CA PHE A 42 12.56 -9.72 11.38
C PHE A 42 13.25 -10.21 10.10
N ALA A 43 14.10 -11.24 10.25
CA ALA A 43 14.91 -11.78 9.19
C ALA A 43 14.84 -13.31 9.24
N VAL A 44 14.80 -13.94 8.06
CA VAL A 44 14.83 -15.41 7.95
C VAL A 44 15.77 -15.87 6.84
N ALA A 45 16.31 -17.07 6.99
CA ALA A 45 17.09 -17.70 5.91
C ALA A 45 16.35 -17.63 4.59
N GLY A 46 17.07 -17.31 3.51
CA GLY A 46 16.44 -17.19 2.20
C GLY A 46 17.05 -18.12 1.20
N THR A 47 18.08 -18.84 1.61
CA THR A 47 18.80 -19.79 0.75
C THR A 47 19.09 -21.04 1.57
N PRO A 48 19.48 -22.16 0.92
CA PRO A 48 20.01 -23.28 1.71
C PRO A 48 21.28 -22.85 2.45
N HIS A 49 21.49 -23.39 3.63
CA HIS A 49 22.69 -23.10 4.36
C HIS A 49 23.10 -24.34 5.12
N SER A 50 24.39 -24.45 5.39
CA SER A 50 24.93 -25.64 6.02
C SER A 50 24.32 -26.00 7.39
N TYR A 51 23.86 -25.02 8.18
CA TYR A 51 23.36 -25.35 9.52
C TYR A 51 21.87 -25.08 9.80
N ILE A 52 21.06 -25.06 8.74
CA ILE A 52 19.60 -24.93 8.86
C ILE A 52 18.87 -25.99 8.03
N ASP A 53 17.75 -26.51 8.54
CA ASP A 53 16.98 -27.56 7.86
C ASP A 53 16.18 -26.94 6.77
N THR A 54 15.78 -25.69 7.02
CA THR A 54 14.75 -25.06 6.21
C THR A 54 14.94 -23.53 6.02
N TYR A 55 14.43 -23.03 4.89
CA TYR A 55 14.48 -21.60 4.56
C TYR A 55 13.16 -21.06 3.98
N PHE A 56 12.97 -19.74 4.03
CA PHE A 56 11.77 -19.19 3.43
C PHE A 56 11.99 -18.91 1.94
N ASP A 57 11.19 -19.57 1.08
CA ASP A 57 11.26 -19.36 -0.37
C ASP A 57 10.22 -18.35 -0.83
N THR A 58 10.66 -17.13 -1.15
CA THR A 58 9.73 -16.08 -1.48
C THR A 58 9.00 -16.33 -2.81
N GLU A 59 9.55 -17.21 -3.65
CA GLU A 59 8.90 -17.56 -4.92
C GLU A 59 7.74 -18.52 -4.71
N ARG A 60 7.72 -19.19 -3.55
CA ARG A 60 6.64 -20.15 -3.26
C ARG A 60 5.48 -19.50 -2.49
N SER A 61 5.49 -18.17 -2.38
CA SER A 61 4.43 -17.45 -1.67
C SER A 61 3.72 -16.42 -2.51
N SER A 62 2.42 -16.63 -2.72
CA SER A 62 1.66 -15.75 -3.59
C SER A 62 1.45 -14.36 -2.98
N THR A 63 1.54 -14.25 -1.65
CA THR A 63 1.26 -12.98 -0.99
C THR A 63 2.54 -12.21 -0.66
N TYR A 64 3.69 -12.75 -1.08
CA TYR A 64 4.97 -12.06 -0.90
C TYR A 64 5.08 -10.90 -1.86
N ARG A 65 5.73 -9.84 -1.38
CA ARG A 65 5.90 -8.63 -2.15
C ARG A 65 7.23 -8.06 -1.75
N SER A 66 8.13 -7.93 -2.75
CA SER A 66 9.48 -7.41 -2.52
C SER A 66 9.41 -5.91 -2.35
N LYS A 67 10.19 -5.36 -1.46
CA LYS A 67 10.29 -3.91 -1.31
C LYS A 67 11.34 -3.32 -2.28
N GLY A 68 12.04 -4.19 -3.02
CA GLY A 68 13.11 -3.73 -3.94
C GLY A 68 14.42 -3.16 -3.38
N PHE A 69 14.77 -3.51 -2.15
CA PHE A 69 16.08 -3.20 -1.60
C PHE A 69 16.55 -4.30 -0.64
N ASP A 70 17.81 -4.24 -0.21
CA ASP A 70 18.29 -5.18 0.78
C ASP A 70 18.80 -4.46 2.01
N VAL A 71 19.00 -5.20 3.09
CA VAL A 71 19.55 -4.62 4.29
C VAL A 71 20.71 -5.49 4.79
N THR A 72 21.75 -4.85 5.31
CA THR A 72 22.80 -5.54 6.01
C THR A 72 22.71 -5.21 7.50
N VAL A 73 22.82 -6.23 8.33
CA VAL A 73 22.86 -6.03 9.77
C VAL A 73 24.16 -6.65 10.29
N LYS A 74 25.00 -5.83 10.90
CA LYS A 74 26.23 -6.27 11.56
C LYS A 74 25.92 -6.50 13.05
N TYR A 75 26.30 -7.65 13.61
CA TYR A 75 26.31 -7.81 15.09
C TYR A 75 27.75 -7.69 15.61
N THR A 76 27.91 -7.91 16.92
CA THR A 76 29.23 -7.90 17.56
C THR A 76 30.15 -8.95 16.93
N GLN A 77 29.68 -10.19 16.86
CA GLN A 77 30.32 -11.19 16.01
C GLN A 77 29.27 -11.86 15.10
N GLY A 78 29.30 -11.53 13.80
CA GLY A 78 28.38 -12.13 12.85
C GLY A 78 27.34 -11.20 12.25
N SER A 79 27.20 -11.25 10.92
CA SER A 79 26.29 -10.37 10.19
C SER A 79 25.54 -11.13 9.11
N TRP A 80 24.58 -10.48 8.47
CA TRP A 80 23.91 -11.05 7.32
C TRP A 80 23.42 -9.93 6.42
N THR A 81 23.14 -10.27 5.17
CA THR A 81 22.48 -9.36 4.26
C THR A 81 21.30 -10.06 3.61
N GLY A 82 20.19 -9.33 3.51
CA GLY A 82 18.93 -9.96 3.13
C GLY A 82 18.11 -9.07 2.26
N PHE A 83 17.32 -9.66 1.36
CA PHE A 83 16.32 -8.87 0.63
C PHE A 83 15.24 -8.49 1.61
N VAL A 84 14.58 -7.34 1.39
CA VAL A 84 13.46 -6.92 2.27
C VAL A 84 12.13 -7.03 1.50
N GLY A 85 11.16 -7.72 2.10
CA GLY A 85 9.86 -7.89 1.50
C GLY A 85 8.79 -7.63 2.54
N GLU A 86 7.54 -7.88 2.16
CA GLU A 86 6.42 -7.92 3.11
C GLU A 86 5.70 -9.23 2.87
N ASP A 87 5.22 -9.84 3.95
CA ASP A 87 4.38 -11.02 3.80
C ASP A 87 3.47 -11.24 5.01
N LEU A 88 2.47 -12.08 4.82
CA LEU A 88 1.47 -12.38 5.83
C LEU A 88 2.02 -13.46 6.74
N VAL A 89 2.01 -13.22 8.04
CA VAL A 89 2.53 -14.19 9.03
C VAL A 89 1.48 -14.61 10.06
N THR A 90 1.56 -15.85 10.54
CA THR A 90 0.66 -16.35 11.60
C THR A 90 1.49 -16.86 12.75
N ILE A 91 1.06 -16.58 13.97
CA ILE A 91 1.67 -17.20 15.14
C ILE A 91 0.64 -18.19 15.69
N PRO A 92 0.79 -19.48 15.37
CA PRO A 92 -0.21 -20.49 15.73
C PRO A 92 -0.52 -20.54 17.23
N LYS A 93 0.50 -20.51 18.08
CA LYS A 93 0.30 -20.50 19.54
C LYS A 93 0.23 -19.07 20.04
N GLY A 94 -0.94 -18.48 19.85
CA GLY A 94 -1.23 -17.10 20.22
C GLY A 94 -2.26 -16.37 19.38
N PHE A 95 -2.20 -16.52 18.06
CA PHE A 95 -3.10 -15.78 17.18
C PHE A 95 -3.70 -16.64 16.07
N ASN A 96 -5.04 -16.70 16.05
CA ASN A 96 -5.78 -17.33 14.96
C ASN A 96 -5.68 -16.58 13.63
N THR A 97 -5.54 -15.25 13.70
CA THR A 97 -5.46 -14.39 12.51
C THR A 97 -4.00 -14.14 12.04
N SER A 98 -3.86 -13.82 10.74
CA SER A 98 -2.53 -13.57 10.16
C SER A 98 -2.32 -12.06 9.98
N PHE A 99 -1.03 -11.64 9.88
N PHE A 99 -1.07 -11.61 9.87
CA PHE A 99 -0.63 -10.23 9.91
CA PHE A 99 -0.80 -10.18 9.75
C PHE A 99 0.48 -9.89 8.90
C PHE A 99 0.44 -9.88 8.91
N LEU A 100 0.48 -8.66 8.42
CA LEU A 100 1.41 -8.26 7.36
C LEU A 100 2.60 -7.60 7.97
N VAL A 101 3.76 -8.21 7.87
CA VAL A 101 4.97 -7.67 8.45
C VAL A 101 6.04 -7.51 7.35
N ASN A 102 7.07 -6.71 7.64
CA ASN A 102 8.29 -6.67 6.85
C ASN A 102 9.12 -7.87 7.19
N ILE A 103 9.91 -8.34 6.25
CA ILE A 103 10.73 -9.51 6.48
C ILE A 103 11.96 -9.45 5.59
N ALA A 104 13.12 -9.76 6.17
CA ALA A 104 14.33 -9.82 5.36
C ALA A 104 14.69 -11.26 5.07
N THR A 105 15.04 -11.54 3.83
CA THR A 105 15.42 -12.89 3.50
C THR A 105 16.92 -12.93 3.25
N ILE A 106 17.62 -13.55 4.19
CA ILE A 106 19.08 -13.66 4.16
C ILE A 106 19.59 -14.52 2.98
N PHE A 107 20.38 -13.89 2.13
CA PHE A 107 21.09 -14.59 1.03
C PHE A 107 22.61 -14.54 1.23
N GLU A 108 23.05 -13.81 2.24
CA GLU A 108 24.47 -13.77 2.56
C GLU A 108 24.61 -13.58 4.05
N SER A 109 25.33 -14.47 4.69
CA SER A 109 25.60 -14.35 6.10
C SER A 109 27.01 -14.81 6.40
N GLU A 110 27.50 -14.43 7.57
CA GLU A 110 28.83 -14.78 8.02
C GLU A 110 28.71 -14.88 9.54
N ASN A 111 28.92 -16.09 10.06
CA ASN A 111 28.92 -16.36 11.51
C ASN A 111 27.58 -16.15 12.18
N PHE A 112 26.51 -16.43 11.45
CA PHE A 112 25.18 -16.16 11.92
C PHE A 112 24.41 -17.44 12.20
N PHE A 113 24.28 -18.31 11.19
CA PHE A 113 23.70 -19.63 11.41
C PHE A 113 24.86 -20.52 11.81
N LEU A 114 24.91 -20.84 13.10
CA LEU A 114 25.99 -21.62 13.69
C LEU A 114 25.59 -23.09 13.92
N PRO A 115 26.57 -24.00 14.06
CA PRO A 115 26.21 -25.43 14.20
C PRO A 115 25.51 -25.73 15.54
N GLY A 116 24.48 -26.59 15.49
CA GLY A 116 23.74 -26.99 16.70
C GLY A 116 22.57 -26.07 17.06
N ILE A 117 22.39 -25.04 16.25
CA ILE A 117 21.32 -24.09 16.41
C ILE A 117 20.06 -24.70 15.82
N LYS A 118 18.90 -24.41 16.43
CA LYS A 118 17.63 -24.96 15.95
C LYS A 118 16.84 -23.94 15.14
N TRP A 119 17.09 -22.66 15.34
CA TRP A 119 16.31 -21.65 14.64
C TRP A 119 16.84 -21.36 13.24
N ASN A 120 15.97 -20.88 12.36
CA ASN A 120 16.41 -20.43 11.04
C ASN A 120 16.02 -18.96 10.75
N GLY A 121 15.64 -18.23 11.80
CA GLY A 121 15.32 -16.82 11.67
C GLY A 121 15.37 -16.12 13.01
N ILE A 122 15.33 -14.80 13.00
N ILE A 122 15.23 -14.80 12.98
CA ILE A 122 15.25 -14.07 14.26
CA ILE A 122 15.32 -13.98 14.19
C ILE A 122 14.17 -13.00 14.23
C ILE A 122 14.19 -12.95 14.22
N LEU A 123 13.56 -12.81 15.40
CA LEU A 123 12.52 -11.83 15.62
C LEU A 123 13.12 -10.75 16.51
N GLY A 124 13.30 -9.55 15.96
CA GLY A 124 13.79 -8.40 16.71
C GLY A 124 12.63 -7.76 17.42
N LEU A 125 12.64 -7.85 18.74
CA LEU A 125 11.60 -7.24 19.58
C LEU A 125 11.99 -5.90 20.26
N ALA A 126 13.14 -5.32 19.91
CA ALA A 126 13.53 -4.00 20.48
C ALA A 126 12.80 -2.83 19.78
N TYR A 127 13.28 -1.61 19.95
CA TYR A 127 12.54 -0.45 19.46
C TYR A 127 12.84 -0.04 18.00
N ALA A 128 11.92 0.72 17.43
CA ALA A 128 12.05 1.23 16.07
C ALA A 128 13.40 1.89 15.81
N THR A 129 13.96 2.61 16.80
CA THR A 129 15.22 3.36 16.56
C THR A 129 16.38 2.43 16.16
N LEU A 130 16.35 1.18 16.61
CA LEU A 130 17.37 0.20 16.19
C LEU A 130 17.16 -0.52 14.86
N ALA A 131 16.01 -0.33 14.20
CA ALA A 131 15.72 -1.07 12.95
C ALA A 131 16.64 -0.65 11.81
N LYS A 132 16.94 -1.61 10.93
CA LYS A 132 17.77 -1.38 9.76
C LYS A 132 16.96 -1.65 8.49
N PRO A 133 17.13 -0.83 7.44
CA PRO A 133 18.16 0.22 7.32
C PRO A 133 17.85 1.54 8.02
N SER A 134 16.62 1.71 8.50
CA SER A 134 16.24 2.88 9.30
C SER A 134 15.02 2.62 10.19
N SER A 135 14.81 3.51 11.15
CA SER A 135 13.68 3.40 12.08
C SER A 135 12.33 3.40 11.36
N SER A 136 12.34 3.58 10.05
CA SER A 136 11.11 3.61 9.23
C SER A 136 10.62 2.22 8.81
N LEU A 137 11.42 1.18 9.09
CA LEU A 137 11.02 -0.18 8.75
C LEU A 137 10.24 -0.78 9.93
N GLU A 138 8.94 -0.60 9.93
CA GLU A 138 8.05 -1.05 11.01
C GLU A 138 8.44 -2.42 11.57
N THR A 139 8.72 -2.47 12.88
CA THR A 139 9.15 -3.67 13.55
C THR A 139 8.02 -4.69 13.58
N PHE A 140 8.38 -5.94 13.78
CA PHE A 140 7.41 -6.99 13.79
C PHE A 140 6.36 -6.73 14.87
N PHE A 141 6.78 -6.41 16.09
CA PHE A 141 5.84 -6.16 17.19
C PHE A 141 5.00 -4.89 17.00
N ASP A 142 5.58 -3.84 16.36
CA ASP A 142 4.77 -2.65 16.02
C ASP A 142 3.64 -3.03 15.05
N SER A 143 3.97 -3.84 14.03
CA SER A 143 2.95 -4.43 13.16
C SER A 143 1.91 -5.18 13.95
N LEU A 144 2.34 -5.95 14.95
CA LEU A 144 1.45 -6.81 15.73
C LEU A 144 0.50 -5.98 16.58
N VAL A 145 1.03 -4.95 17.24
CA VAL A 145 0.24 -4.07 18.10
C VAL A 145 -0.93 -3.48 17.32
N THR A 146 -0.60 -2.91 16.17
CA THR A 146 -1.60 -2.24 15.35
C THR A 146 -2.63 -3.19 14.72
N GLN A 147 -2.18 -4.28 14.13
CA GLN A 147 -3.10 -5.12 13.37
C GLN A 147 -3.83 -6.14 14.25
N ALA A 148 -3.30 -6.42 15.45
CA ALA A 148 -3.90 -7.43 16.35
C ALA A 148 -4.71 -6.86 17.50
N ASN A 149 -4.62 -5.56 17.76
CA ASN A 149 -5.41 -4.91 18.83
C ASN A 149 -4.92 -5.29 20.24
N ILE A 150 -3.64 -5.58 20.38
CA ILE A 150 -3.09 -5.93 21.69
C ILE A 150 -2.37 -4.72 22.29
N PRO A 151 -2.25 -4.67 23.64
CA PRO A 151 -1.46 -3.58 24.24
C PRO A 151 0.02 -3.65 23.85
N ASN A 152 0.71 -2.53 23.99
CA ASN A 152 2.10 -2.37 23.64
C ASN A 152 2.97 -2.95 24.75
N VAL A 153 2.83 -4.25 24.93
CA VAL A 153 3.45 -4.97 26.03
C VAL A 153 3.69 -6.41 25.63
N PHE A 154 4.86 -6.94 25.98
CA PHE A 154 5.05 -8.38 25.92
C PHE A 154 5.89 -8.80 27.10
N SER A 155 5.72 -10.05 27.49
CA SER A 155 6.51 -10.58 28.59
C SER A 155 7.14 -11.87 28.16
N MET A 156 8.17 -12.25 28.89
CA MET A 156 8.96 -13.40 28.52
C MET A 156 9.36 -14.21 29.74
N GLN A 157 9.24 -15.52 29.63
CA GLN A 157 9.69 -16.47 30.64
C GLN A 157 10.47 -17.60 30.00
N MET A 158 11.69 -17.80 30.46
CA MET A 158 12.47 -18.97 30.06
C MET A 158 12.44 -19.98 31.19
N CYS A 159 12.27 -21.25 30.84
CA CYS A 159 12.32 -22.32 31.83
C CYS A 159 13.41 -23.33 31.50
N GLY A 160 14.64 -22.84 31.42
CA GLY A 160 15.76 -23.70 31.08
C GLY A 160 16.77 -23.95 32.16
N ALA A 161 16.60 -23.36 33.34
CA ALA A 161 17.53 -23.57 34.46
C ALA A 161 17.81 -25.04 34.75
N GLY A 162 19.07 -25.36 35.00
CA GLY A 162 19.50 -26.73 35.29
C GLY A 162 19.82 -27.54 34.06
N LEU A 163 19.27 -27.14 32.92
CA LEU A 163 19.40 -27.94 31.70
C LEU A 163 20.84 -27.89 31.16
N PRO A 164 21.29 -29.01 30.54
CA PRO A 164 22.62 -29.13 29.95
C PRO A 164 22.82 -28.14 28.80
N VAL A 165 23.89 -27.37 28.82
CA VAL A 165 24.13 -26.41 27.75
C VAL A 165 24.38 -27.14 26.43
N ALA A 166 25.22 -28.17 26.48
CA ALA A 166 25.62 -28.93 25.31
C ALA A 166 25.22 -30.38 25.49
N GLY A 172 11.88 -25.33 27.49
CA GLY A 172 11.08 -24.34 26.76
C GLY A 172 10.79 -23.05 27.51
N GLY A 173 9.78 -22.32 27.07
CA GLY A 173 9.42 -21.06 27.71
C GLY A 173 8.17 -20.45 27.12
N SER A 174 7.87 -19.20 27.47
CA SER A 174 6.67 -18.54 26.98
C SER A 174 6.99 -17.12 26.55
N LEU A 175 6.44 -16.71 25.42
CA LEU A 175 6.49 -15.32 25.01
C LEU A 175 5.04 -14.81 24.92
N VAL A 176 4.65 -13.93 25.85
CA VAL A 176 3.28 -13.45 25.89
C VAL A 176 3.14 -12.09 25.18
N LEU A 177 2.55 -12.12 24.00
CA LEU A 177 2.39 -10.93 23.18
C LEU A 177 1.13 -10.15 23.54
N GLY A 178 1.33 -8.99 24.14
CA GLY A 178 0.24 -8.14 24.47
C GLY A 178 -0.09 -8.13 25.93
N GLY A 179 0.73 -8.76 26.76
CA GLY A 179 0.59 -8.61 28.22
C GLY A 179 1.30 -9.59 29.15
N ILE A 180 0.65 -9.80 30.30
CA ILE A 180 1.19 -10.51 31.45
C ILE A 180 0.27 -11.69 31.80
N GLU A 181 0.81 -12.90 31.87
CA GLU A 181 0.01 -14.09 32.16
C GLU A 181 0.21 -14.44 33.63
N PRO A 182 -0.86 -14.30 34.46
CA PRO A 182 -0.63 -14.36 35.91
C PRO A 182 -0.24 -15.74 36.42
N SER A 183 -0.42 -16.77 35.61
CA SER A 183 -0.06 -18.11 36.02
C SER A 183 1.43 -18.34 35.85
N LEU A 184 2.12 -17.37 35.27
CA LEU A 184 3.57 -17.51 35.08
C LEU A 184 4.46 -16.93 36.20
N TYR A 185 3.85 -16.39 37.26
CA TYR A 185 4.61 -15.89 38.41
C TYR A 185 3.75 -15.89 39.66
N LYS A 186 4.41 -15.66 40.78
CA LYS A 186 3.74 -15.34 42.05
C LYS A 186 4.60 -14.30 42.78
N GLY A 187 3.97 -13.47 43.59
CA GLY A 187 4.66 -12.34 44.20
C GLY A 187 4.41 -11.07 43.41
N ASP A 188 5.18 -10.03 43.71
CA ASP A 188 4.98 -8.72 43.10
C ASP A 188 5.88 -8.58 41.88
N ILE A 189 5.42 -7.81 40.91
CA ILE A 189 6.27 -7.40 39.82
C ILE A 189 6.96 -6.09 40.25
N TRP A 190 8.27 -6.04 40.09
CA TRP A 190 9.02 -4.82 40.33
C TRP A 190 9.34 -4.15 39.00
N TYR A 191 9.02 -2.88 38.90
CA TYR A 191 9.21 -2.13 37.63
C TYR A 191 10.35 -1.13 37.77
N THR A 192 11.25 -1.13 36.77
CA THR A 192 12.36 -0.18 36.66
C THR A 192 12.16 0.57 35.35
N PRO A 193 12.34 1.90 35.35
CA PRO A 193 12.08 2.65 34.12
C PRO A 193 13.02 2.21 33.00
N ILE A 194 12.53 2.36 31.77
CA ILE A 194 13.37 2.26 30.59
C ILE A 194 14.01 3.64 30.37
N LYS A 195 15.34 3.69 30.37
CA LYS A 195 16.05 4.96 30.31
C LYS A 195 16.11 5.54 28.92
N GLU A 196 16.24 4.65 27.93
CA GLU A 196 16.30 5.04 26.54
C GLU A 196 15.56 3.97 25.71
N GLU A 197 14.79 4.39 24.71
CA GLU A 197 14.08 3.43 23.88
C GLU A 197 14.83 3.16 22.58
N TRP A 198 15.76 2.22 22.69
CA TRP A 198 16.37 1.56 21.57
C TRP A 198 16.53 0.09 21.91
N TYR A 199 17.52 -0.22 22.75
CA TYR A 199 17.58 -1.46 23.53
C TYR A 199 16.61 -1.26 24.68
N TYR A 200 16.31 -2.31 25.42
CA TYR A 200 15.61 -2.11 26.67
C TYR A 200 16.65 -1.71 27.71
N GLN A 201 17.08 -0.46 27.62
CA GLN A 201 18.10 0.05 28.51
C GLN A 201 17.51 0.42 29.86
N ILE A 202 18.11 -0.11 30.93
CA ILE A 202 17.70 0.20 32.28
C ILE A 202 18.89 0.65 33.15
N GLU A 203 18.60 1.09 34.37
CA GLU A 203 19.65 1.67 35.21
C GLU A 203 20.06 0.74 36.33
N ILE A 204 21.29 0.24 36.26
CA ILE A 204 21.90 -0.56 37.31
C ILE A 204 22.59 0.35 38.33
N LEU A 205 22.18 0.20 39.59
CA LEU A 205 22.72 0.93 40.74
C LEU A 205 23.91 0.24 41.37
N LYS A 206 23.78 -1.05 41.67
CA LYS A 206 24.81 -1.76 42.42
C LYS A 206 24.89 -3.23 42.00
N LEU A 207 26.10 -3.79 42.00
CA LEU A 207 26.26 -5.25 41.93
C LEU A 207 26.76 -5.80 43.27
N GLU A 208 26.10 -6.81 43.81
CA GLU A 208 26.58 -7.48 45.02
C GLU A 208 26.97 -8.92 44.74
N ILE A 209 28.15 -9.30 45.22
CA ILE A 209 28.59 -10.70 45.20
C ILE A 209 28.58 -11.17 46.65
N GLY A 210 27.67 -12.10 46.97
CA GLY A 210 27.46 -12.57 48.34
C GLY A 210 27.40 -11.46 49.38
N GLY A 211 26.29 -10.72 49.36
CA GLY A 211 26.00 -9.65 50.35
C GLY A 211 27.01 -8.52 50.38
N GLN A 212 27.96 -8.54 49.44
CA GLN A 212 29.10 -7.63 49.42
C GLN A 212 29.10 -6.76 48.16
N SER A 213 29.09 -5.44 48.37
CA SER A 213 29.15 -4.50 47.26
C SER A 213 30.54 -4.47 46.63
N LEU A 214 30.58 -4.36 45.30
CA LEU A 214 31.84 -4.12 44.62
C LEU A 214 32.22 -2.66 44.88
N ASN A 215 33.51 -2.36 44.88
CA ASN A 215 33.98 -1.00 45.14
C ASN A 215 33.51 0.02 44.09
N LEU A 216 33.12 -0.48 42.91
CA LEU A 216 32.92 0.33 41.71
C LEU A 216 31.92 1.50 41.80
N ASP A 217 32.19 2.56 41.02
CA ASP A 217 31.24 3.66 40.78
C ASP A 217 30.02 3.19 39.98
N CYS A 218 28.84 3.69 40.32
CA CYS A 218 27.61 3.17 39.70
C CYS A 218 27.52 3.36 38.17
N ARG A 219 28.30 4.31 37.64
CA ARG A 219 28.40 4.57 36.20
C ARG A 219 29.09 3.48 35.37
N GLU A 220 29.96 2.71 36.02
CA GLU A 220 30.69 1.61 35.36
C GLU A 220 29.71 0.57 34.86
N TYR A 221 28.63 0.39 35.63
CA TYR A 221 27.58 -0.55 35.30
C TYR A 221 26.81 -0.11 34.06
N ASN A 222 26.73 1.21 33.85
CA ASN A 222 26.05 1.77 32.70
C ASN A 222 27.04 2.34 31.68
N ALA A 223 28.27 1.82 31.72
CA ALA A 223 29.34 2.18 30.78
C ALA A 223 28.91 1.84 29.35
N ASP A 224 28.60 2.90 28.60
CA ASP A 224 27.75 2.82 27.40
C ASP A 224 26.30 2.56 27.83
N LYS A 225 25.93 1.31 28.13
CA LYS A 225 24.54 1.04 28.60
C LYS A 225 24.32 -0.30 29.32
N ALA A 226 23.24 -0.38 30.10
CA ALA A 226 22.78 -1.64 30.69
C ALA A 226 21.45 -2.09 30.07
N ILE A 227 21.46 -3.22 29.36
CA ILE A 227 20.31 -3.64 28.57
C ILE A 227 19.73 -5.01 28.97
N VAL A 228 18.49 -5.28 28.58
CA VAL A 228 17.93 -6.62 28.75
C VAL A 228 17.70 -7.24 27.39
N ASP A 229 18.44 -8.33 27.13
CA ASP A 229 18.51 -8.91 25.79
C ASP A 229 18.42 -10.43 25.79
N SER A 230 17.27 -10.94 25.38
CA SER A 230 17.02 -12.38 25.30
C SER A 230 17.90 -13.13 24.30
N GLY A 231 18.42 -12.41 23.30
CA GLY A 231 19.25 -13.01 22.26
C GLY A 231 20.73 -13.12 22.61
N THR A 232 21.08 -12.71 23.82
CA THR A 232 22.41 -12.93 24.36
C THR A 232 22.30 -14.01 25.41
N THR A 233 23.23 -14.94 25.35
CA THR A 233 23.27 -16.13 26.19
C THR A 233 23.69 -15.86 27.63
N LEU A 234 24.78 -15.15 27.80
CA LEU A 234 25.40 -15.00 29.12
C LEU A 234 25.06 -13.67 29.76
N LEU A 235 25.35 -13.51 31.04
CA LEU A 235 25.42 -12.19 31.64
C LEU A 235 26.72 -11.61 31.15
N ARG A 236 26.67 -10.55 30.35
CA ARG A 236 27.89 -9.88 29.86
C ARG A 236 28.18 -8.59 30.64
N LEU A 237 29.45 -8.37 30.96
CA LEU A 237 29.85 -7.18 31.75
C LEU A 237 31.00 -6.38 31.11
N PRO A 238 30.99 -5.04 31.29
CA PRO A 238 32.09 -4.25 30.74
C PRO A 238 33.41 -4.79 31.31
N GLN A 239 34.42 -4.90 30.45
CA GLN A 239 35.73 -5.47 30.81
C GLN A 239 36.22 -5.16 32.23
N LYS A 240 36.13 -3.90 32.61
CA LYS A 240 36.50 -3.45 33.93
C LYS A 240 35.57 -4.02 35.03
N VAL A 241 34.27 -4.08 34.77
CA VAL A 241 33.32 -4.65 35.74
C VAL A 241 33.49 -6.17 35.80
N PHE A 242 33.67 -6.79 34.64
CA PHE A 242 33.93 -8.24 34.57
C PHE A 242 35.12 -8.65 35.45
N ASP A 243 36.21 -7.87 35.37
CA ASP A 243 37.39 -8.20 36.16
C ASP A 243 37.09 -8.11 37.65
N ALA A 244 36.28 -7.13 38.05
CA ALA A 244 35.88 -7.00 39.46
C ALA A 244 35.05 -8.18 39.94
N VAL A 245 34.21 -8.73 39.07
CA VAL A 245 33.28 -9.80 39.47
C VAL A 245 34.03 -11.11 39.60
N VAL A 246 34.87 -11.41 38.62
CA VAL A 246 35.71 -12.61 38.64
C VAL A 246 36.53 -12.67 39.95
N GLU A 247 37.25 -11.60 40.25
CA GLU A 247 38.08 -11.55 41.45
C GLU A 247 37.28 -11.62 42.75
N ALA A 248 36.02 -11.18 42.71
CA ALA A 248 35.14 -11.24 43.89
C ALA A 248 34.56 -12.64 44.07
N VAL A 249 34.14 -13.25 42.97
CA VAL A 249 33.63 -14.64 42.96
C VAL A 249 34.74 -15.62 43.36
N ALA A 250 35.89 -15.53 42.66
CA ALA A 250 37.05 -16.37 42.96
C ALA A 250 37.48 -16.32 44.44
N ARG A 251 37.67 -15.12 44.99
CA ARG A 251 38.02 -15.00 46.42
C ARG A 251 36.82 -15.31 47.34
N ALA A 252 35.90 -16.11 46.84
CA ALA A 252 34.75 -16.55 47.63
C ALA A 252 34.37 -18.00 47.29
N SER A 253 35.19 -18.63 46.46
CA SER A 253 34.91 -19.99 46.01
C SER A 253 36.17 -20.76 45.63
N LEU A 254 36.09 -22.08 45.68
CA LEU A 254 37.21 -22.96 45.38
C LEU A 254 36.69 -24.29 44.86
N ASP A 260 43.11 -20.00 35.90
CA ASP A 260 42.01 -20.79 35.37
C ASP A 260 41.29 -20.17 34.18
N GLY A 261 41.32 -20.87 33.05
CA GLY A 261 40.59 -20.48 31.85
C GLY A 261 39.09 -20.69 31.98
N PHE A 262 38.67 -21.09 33.19
CA PHE A 262 37.26 -21.18 33.59
C PHE A 262 36.56 -19.82 33.48
N TRP A 263 37.13 -18.81 34.13
CA TRP A 263 36.58 -17.47 34.16
C TRP A 263 36.48 -16.86 32.76
N THR A 264 37.43 -17.21 31.91
CA THR A 264 37.52 -16.60 30.60
C THR A 264 36.94 -17.50 29.54
N GLY A 265 36.36 -18.63 29.96
CA GLY A 265 35.71 -19.55 29.04
C GLY A 265 36.61 -20.28 28.06
N SER A 266 37.83 -20.62 28.48
CA SER A 266 38.68 -21.51 27.68
C SER A 266 38.62 -22.95 28.19
N GLN A 267 38.41 -23.13 29.49
CA GLN A 267 38.27 -24.47 30.09
C GLN A 267 36.93 -24.60 30.82
N LEU A 268 36.47 -25.84 31.00
CA LEU A 268 35.36 -26.14 31.91
C LEU A 268 35.92 -26.57 33.26
N ALA A 269 35.08 -26.61 34.28
CA ALA A 269 35.52 -27.14 35.57
C ALA A 269 34.62 -28.29 36.01
N CYS A 270 35.22 -29.43 36.30
CA CYS A 270 34.44 -30.64 36.52
C CYS A 270 34.48 -31.11 37.98
N TRP A 271 33.41 -31.77 38.42
CA TRP A 271 33.26 -32.33 39.78
C TRP A 271 32.54 -33.65 39.66
N THR A 272 32.80 -34.59 40.57
CA THR A 272 31.99 -35.81 40.65
C THR A 272 30.67 -35.51 41.39
N ASN A 273 29.59 -36.19 41.01
CA ASN A 273 28.24 -35.87 41.52
C ASN A 273 28.07 -35.75 43.06
N SER A 274 28.91 -36.44 43.82
CA SER A 274 28.90 -36.35 45.28
C SER A 274 29.34 -34.97 45.75
N GLU A 275 29.99 -34.22 44.86
CA GLU A 275 30.68 -33.02 45.26
C GLU A 275 29.83 -31.76 45.31
N THR A 276 28.59 -31.84 44.83
CA THR A 276 27.59 -30.77 45.01
C THR A 276 28.14 -29.31 44.92
N PRO A 277 28.74 -28.92 43.77
CA PRO A 277 29.48 -27.64 43.67
C PRO A 277 28.64 -26.37 43.88
N TRP A 278 27.32 -26.51 43.83
CA TRP A 278 26.44 -25.35 43.86
C TRP A 278 26.38 -24.52 45.15
N SER A 279 26.96 -25.03 46.22
CA SER A 279 26.96 -24.35 47.52
C SER A 279 28.26 -23.56 47.79
N TYR A 280 29.31 -23.85 47.03
CA TYR A 280 30.61 -23.25 47.27
C TYR A 280 30.69 -21.86 46.68
N PHE A 281 29.66 -21.50 45.89
CA PHE A 281 29.67 -20.27 45.11
C PHE A 281 28.71 -19.23 45.71
N PRO A 282 29.08 -17.92 45.60
CA PRO A 282 28.21 -16.89 46.16
C PRO A 282 27.02 -16.56 45.24
N LYS A 283 26.03 -15.86 45.78
CA LYS A 283 24.92 -15.32 45.01
C LYS A 283 25.35 -13.99 44.41
N ILE A 284 24.79 -13.67 43.24
CA ILE A 284 25.06 -12.41 42.56
C ILE A 284 23.74 -11.65 42.54
N SER A 285 23.80 -10.39 42.96
CA SER A 285 22.64 -9.51 42.96
C SER A 285 22.91 -8.22 42.18
N ILE A 286 21.94 -7.86 41.33
CA ILE A 286 21.96 -6.60 40.59
C ILE A 286 20.84 -5.72 41.15
N TYR A 287 21.18 -4.51 41.60
CA TYR A 287 20.16 -3.59 42.08
C TYR A 287 19.70 -2.65 40.98
N LEU A 288 18.38 -2.45 40.91
CA LEU A 288 17.72 -1.63 39.86
C LEU A 288 16.86 -0.54 40.49
N ARG A 289 16.89 0.67 39.91
CA ARG A 289 16.08 1.76 40.45
C ARG A 289 14.59 1.56 40.19
N ASP A 290 13.79 1.73 41.22
CA ASP A 290 12.35 1.55 41.11
C ASP A 290 11.74 2.78 40.43
N GLU A 291 10.46 2.70 40.03
CA GLU A 291 9.81 3.89 39.45
C GLU A 291 9.82 5.12 40.39
N ASN A 292 9.72 4.84 41.68
CA ASN A 292 9.98 5.84 42.71
C ASN A 292 11.49 5.85 42.87
N SER A 293 12.15 6.94 42.47
CA SER A 293 13.61 6.94 42.42
C SER A 293 14.30 6.78 43.78
N SER A 294 13.56 7.01 44.87
CA SER A 294 14.12 6.93 46.23
C SER A 294 14.27 5.49 46.71
N ARG A 295 13.75 4.54 45.94
CA ARG A 295 13.96 3.16 46.30
C ARG A 295 14.48 2.28 45.15
N SER A 296 15.08 1.14 45.51
CA SER A 296 15.55 0.16 44.53
C SER A 296 15.03 -1.24 44.84
N PHE A 297 14.99 -2.09 43.81
CA PHE A 297 14.81 -3.53 44.05
C PHE A 297 16.03 -4.34 43.59
N ARG A 298 16.06 -5.61 44.00
CA ARG A 298 17.22 -6.49 43.82
C ARG A 298 16.78 -7.77 43.10
N ILE A 299 17.43 -8.05 41.97
CA ILE A 299 17.29 -9.36 41.35
C ILE A 299 18.52 -10.25 41.62
N THR A 300 18.29 -11.41 42.20
CA THR A 300 19.38 -12.25 42.61
C THR A 300 19.39 -13.58 41.84
N ILE A 301 20.56 -13.94 41.31
CA ILE A 301 20.76 -15.29 40.76
C ILE A 301 21.68 -16.15 41.63
N LEU A 302 21.25 -17.38 41.89
CA LEU A 302 22.07 -18.33 42.63
C LEU A 302 23.13 -18.95 41.68
N PRO A 303 24.12 -19.67 42.25
CA PRO A 303 25.09 -20.44 41.45
C PRO A 303 24.48 -21.31 40.34
N GLN A 304 23.35 -21.95 40.61
CA GLN A 304 22.73 -22.83 39.62
C GLN A 304 22.52 -22.14 38.28
N LEU A 305 22.35 -20.83 38.30
CA LEU A 305 22.14 -20.06 37.06
C LEU A 305 23.47 -19.65 36.38
N TYR A 306 24.49 -19.35 37.16
CA TYR A 306 25.72 -18.94 36.51
C TYR A 306 26.87 -19.97 36.45
N ILE A 307 26.75 -21.07 37.20
CA ILE A 307 27.70 -22.18 37.11
C ILE A 307 26.95 -23.28 36.38
N GLN A 308 27.09 -23.27 35.05
CA GLN A 308 26.14 -23.95 34.18
C GLN A 308 26.61 -25.35 33.78
N PRO A 309 25.76 -26.36 34.00
CA PRO A 309 26.04 -27.74 33.61
C PRO A 309 26.12 -27.90 32.09
N MET A 310 27.11 -28.68 31.65
CA MET A 310 27.40 -28.90 30.24
C MET A 310 26.71 -30.10 29.62
N MET A 311 26.69 -31.21 30.33
CA MET A 311 26.35 -32.49 29.74
C MET A 311 25.01 -33.03 30.22
N GLY A 312 24.71 -32.79 31.49
CA GLY A 312 23.51 -33.33 32.11
C GLY A 312 23.74 -34.74 32.63
N ALA A 313 22.71 -35.28 33.27
CA ALA A 313 22.78 -36.58 33.92
C ALA A 313 23.23 -37.71 32.99
N GLY A 314 23.99 -38.66 33.53
CA GLY A 314 24.42 -39.82 32.76
C GLY A 314 25.75 -40.40 33.21
N LEU A 315 26.71 -39.51 33.46
CA LEU A 315 28.00 -39.92 33.97
C LEU A 315 27.98 -39.76 35.48
N ASN A 316 29.08 -40.07 36.15
CA ASN A 316 29.17 -39.81 37.59
C ASN A 316 29.97 -38.54 37.90
N TYR A 317 30.00 -37.61 36.95
CA TYR A 317 30.53 -36.27 37.13
C TYR A 317 29.81 -35.29 36.20
N GLU A 318 30.11 -34.01 36.37
CA GLU A 318 29.56 -32.97 35.55
C GLU A 318 30.62 -31.92 35.30
N CYS A 319 30.61 -31.34 34.12
CA CYS A 319 31.48 -30.23 33.81
C CYS A 319 30.61 -28.98 33.70
N TYR A 320 31.21 -27.83 34.03
CA TYR A 320 30.48 -26.58 34.23
C TYR A 320 31.13 -25.47 33.47
N ARG A 321 30.30 -24.59 32.93
CA ARG A 321 30.75 -23.40 32.24
C ARG A 321 30.42 -22.21 33.12
N PHE A 322 31.25 -21.18 33.03
CA PHE A 322 31.00 -19.91 33.70
C PHE A 322 30.10 -19.05 32.82
N GLY A 323 28.96 -18.63 33.38
CA GLY A 323 27.88 -18.01 32.62
C GLY A 323 27.95 -16.50 32.49
N ILE A 324 29.15 -15.96 32.65
CA ILE A 324 29.40 -14.54 32.68
C ILE A 324 30.66 -14.33 31.83
N SER A 325 30.55 -13.57 30.75
CA SER A 325 31.70 -13.28 29.89
C SER A 325 31.95 -11.77 29.82
N PRO A 326 33.17 -11.35 29.42
CA PRO A 326 33.42 -9.92 29.34
C PRO A 326 32.80 -9.29 28.10
N SER A 327 32.64 -7.99 28.12
CA SER A 327 32.13 -7.25 26.98
C SER A 327 32.88 -5.93 26.83
N THR A 328 32.96 -5.43 25.61
CA THR A 328 33.53 -4.09 25.41
C THR A 328 32.50 -3.00 25.73
N ASN A 329 31.41 -2.96 24.95
CA ASN A 329 30.51 -1.81 24.96
C ASN A 329 29.37 -1.83 25.98
N ALA A 330 28.70 -2.96 26.16
CA ALA A 330 27.49 -2.97 26.98
C ALA A 330 27.57 -3.80 28.28
N LEU A 331 26.69 -3.50 29.23
CA LEU A 331 26.37 -4.48 30.27
C LEU A 331 25.11 -5.20 29.80
N VAL A 332 25.24 -6.46 29.41
CA VAL A 332 24.10 -7.13 28.78
C VAL A 332 23.48 -8.13 29.74
N ILE A 333 22.25 -7.83 30.18
CA ILE A 333 21.48 -8.78 30.99
C ILE A 333 20.86 -9.86 30.08
N GLY A 334 21.65 -10.90 29.82
CA GLY A 334 21.24 -12.00 28.94
C GLY A 334 20.46 -13.14 29.60
N ALA A 335 20.29 -14.24 28.86
CA ALA A 335 19.56 -15.45 29.32
C ALA A 335 20.02 -16.01 30.69
N THR A 336 21.32 -15.95 30.97
CA THR A 336 21.88 -16.35 32.26
C THR A 336 21.10 -15.71 33.41
N VAL A 337 20.62 -14.48 33.21
CA VAL A 337 19.84 -13.82 34.24
C VAL A 337 18.36 -13.96 33.96
N MET A 338 17.98 -13.84 32.68
CA MET A 338 16.58 -14.00 32.29
C MET A 338 15.95 -15.36 32.65
N GLU A 339 16.76 -16.43 32.74
CA GLU A 339 16.25 -17.73 33.16
C GLU A 339 15.64 -17.66 34.58
N GLY A 340 15.97 -16.61 35.33
CA GLY A 340 15.54 -16.53 36.72
C GLY A 340 14.25 -15.77 36.89
N PHE A 341 13.84 -15.05 35.86
CA PHE A 341 12.77 -14.09 36.04
C PHE A 341 11.79 -14.09 34.92
N TYR A 342 10.53 -13.82 35.28
CA TYR A 342 9.51 -13.42 34.32
C TYR A 342 9.71 -11.94 34.05
N VAL A 343 9.99 -11.62 32.79
CA VAL A 343 10.43 -10.29 32.40
C VAL A 343 9.36 -9.67 31.54
N ILE A 344 8.93 -8.48 31.95
CA ILE A 344 7.79 -7.81 31.35
C ILE A 344 8.31 -6.55 30.65
N PHE A 345 8.15 -6.52 29.34
CA PHE A 345 8.65 -5.44 28.49
C PHE A 345 7.49 -4.49 28.22
N ASP A 346 7.35 -3.53 29.12
CA ASP A 346 6.13 -2.72 29.21
C ASP A 346 6.39 -1.43 28.48
N ARG A 347 6.39 -1.55 27.16
CA ARG A 347 6.68 -0.47 26.25
C ARG A 347 5.74 0.70 26.43
N ALA A 348 4.44 0.39 26.49
CA ALA A 348 3.37 1.34 26.72
C ALA A 348 3.59 2.25 27.91
N GLN A 349 4.29 1.76 28.93
CA GLN A 349 4.49 2.54 30.15
C GLN A 349 5.95 2.82 30.42
N LYS A 350 6.80 2.43 29.47
CA LYS A 350 8.22 2.79 29.50
C LYS A 350 8.92 2.19 30.73
N ARG A 351 8.74 0.89 30.93
CA ARG A 351 9.32 0.22 32.08
C ARG A 351 9.47 -1.27 31.84
N VAL A 352 10.40 -1.90 32.58
CA VAL A 352 10.63 -3.31 32.48
C VAL A 352 10.32 -3.87 33.85
N GLY A 353 9.51 -4.91 33.90
CA GLY A 353 9.12 -5.52 35.16
C GLY A 353 9.87 -6.83 35.35
N PHE A 354 10.10 -7.17 36.62
CA PHE A 354 10.70 -8.43 36.99
C PHE A 354 9.86 -9.11 38.08
N ALA A 355 9.56 -10.39 37.90
CA ALA A 355 9.10 -11.24 38.98
C ALA A 355 9.89 -12.55 38.92
N ALA A 356 10.01 -13.25 40.03
CA ALA A 356 10.65 -14.58 40.02
C ALA A 356 9.86 -15.58 39.22
N SER A 357 10.55 -16.42 38.45
CA SER A 357 9.92 -17.47 37.66
C SER A 357 9.72 -18.72 38.53
N PRO A 358 8.47 -19.10 38.80
CA PRO A 358 8.27 -20.35 39.55
C PRO A 358 9.03 -21.51 38.93
N CYS A 359 9.16 -21.53 37.60
CA CYS A 359 9.87 -22.61 36.91
C CYS A 359 11.39 -22.58 37.11
N ALA A 360 11.92 -21.46 37.61
CA ALA A 360 13.36 -21.38 37.90
C ALA A 360 13.68 -22.08 39.24
N GLU A 361 13.60 -23.40 39.20
N GLU A 361 13.77 -23.41 39.17
CA GLU A 361 13.92 -24.25 40.34
CA GLU A 361 13.85 -24.25 40.34
C GLU A 361 14.75 -25.43 39.86
C GLU A 361 14.55 -25.58 40.00
N ILE A 362 15.61 -25.92 40.74
CA ILE A 362 16.30 -27.20 40.55
C ILE A 362 16.25 -27.92 41.89
N ALA A 363 15.87 -29.21 41.86
CA ALA A 363 15.74 -30.02 43.09
C ALA A 363 14.75 -29.37 44.10
N GLY A 364 13.76 -28.66 43.57
CA GLY A 364 12.78 -27.98 44.44
C GLY A 364 13.23 -26.63 45.01
N ALA A 365 14.50 -26.26 44.79
CA ALA A 365 15.06 -24.97 45.24
C ALA A 365 14.96 -23.87 44.17
N ALA A 366 14.43 -22.71 44.54
CA ALA A 366 14.44 -21.54 43.65
C ALA A 366 15.87 -21.16 43.31
N VAL A 367 16.13 -20.89 42.04
CA VAL A 367 17.49 -20.57 41.64
C VAL A 367 17.64 -19.07 41.40
N SER A 368 16.60 -18.32 41.75
CA SER A 368 16.56 -16.87 41.67
C SER A 368 15.70 -16.29 42.80
N GLU A 369 15.92 -15.01 43.13
CA GLU A 369 15.16 -14.31 44.17
C GLU A 369 14.97 -12.86 43.76
N ILE A 370 13.88 -12.26 44.25
CA ILE A 370 13.60 -10.85 44.07
C ILE A 370 13.19 -10.23 45.42
N SER A 371 13.65 -9.01 45.70
CA SER A 371 13.25 -8.33 46.92
C SER A 371 13.46 -6.85 46.86
N GLY A 372 12.69 -6.15 47.71
CA GLY A 372 12.76 -4.68 47.86
C GLY A 372 11.60 -4.22 48.72
N PRO A 373 11.53 -2.91 49.02
CA PRO A 373 12.36 -1.82 48.51
C PRO A 373 13.58 -1.57 49.37
N PHE A 374 14.65 -1.09 48.75
CA PHE A 374 15.85 -0.71 49.46
C PHE A 374 16.06 0.79 49.22
N SER A 375 16.63 1.50 50.18
CA SER A 375 16.83 2.93 49.96
C SER A 375 17.92 3.23 48.95
N THR A 376 17.77 4.30 48.18
CA THR A 376 18.84 4.70 47.30
C THR A 376 19.52 6.00 47.76
N GLU A 377 19.48 6.28 49.09
CA GLU A 377 20.18 7.47 49.65
C GLU A 377 21.66 7.45 49.28
N ASP A 378 22.22 6.24 49.18
CA ASP A 378 23.63 6.00 48.96
C ASP A 378 24.11 6.44 47.58
N VAL A 379 23.36 6.07 46.55
CA VAL A 379 23.82 6.22 45.17
C VAL A 379 23.47 7.58 44.57
N ALA A 380 24.18 7.94 43.50
CA ALA A 380 23.96 9.18 42.75
C ALA A 380 22.55 9.29 42.19
N SER A 381 22.16 10.51 41.84
CA SER A 381 20.82 10.78 41.30
C SER A 381 20.61 10.06 39.96
N ASN A 382 21.68 9.97 39.17
CA ASN A 382 21.65 9.33 37.86
C ASN A 382 22.95 8.58 37.57
N CYS A 383 22.84 7.27 37.49
CA CYS A 383 23.98 6.40 37.20
C CYS A 383 24.27 6.27 35.72
N VAL A 384 23.48 6.96 34.90
CA VAL A 384 23.60 6.87 33.46
C VAL A 384 24.35 8.07 32.92
N PRO A 385 25.55 7.83 32.37
CA PRO A 385 26.36 8.88 31.75
C PRO A 385 25.90 9.14 30.33
N PHE B 3 2.27 16.93 -19.94
CA PHE B 3 0.89 17.48 -19.77
C PHE B 3 0.66 18.80 -20.49
N LEU B 4 1.66 19.67 -20.50
CA LEU B 4 1.57 20.97 -21.23
C LEU B 4 1.49 20.77 -22.75
N ALA B 5 2.23 19.77 -23.25
CA ALA B 5 2.18 19.38 -24.66
C ALA B 5 0.83 18.77 -25.06
N MET B 6 0.00 18.45 -24.06
CA MET B 6 -1.35 17.96 -24.31
C MET B 6 -2.37 19.09 -24.31
N VAL B 7 -1.96 20.27 -23.84
CA VAL B 7 -2.82 21.46 -23.96
C VAL B 7 -3.06 21.79 -25.44
N ASP B 8 -4.33 22.03 -25.80
CA ASP B 8 -4.79 22.16 -27.18
C ASP B 8 -4.63 20.94 -28.11
N ASN B 9 -4.65 19.73 -27.58
CA ASN B 9 -4.48 18.58 -28.46
C ASN B 9 -5.80 18.06 -29.07
N LEU B 10 -6.91 18.75 -28.76
CA LEU B 10 -8.21 18.44 -29.36
C LEU B 10 -8.74 19.50 -30.35
N GLN B 11 -9.35 19.01 -31.43
CA GLN B 11 -10.17 19.82 -32.31
C GLN B 11 -11.63 19.35 -32.20
N GLY B 12 -12.52 20.06 -32.87
CA GLY B 12 -13.93 19.72 -32.86
C GLY B 12 -14.72 20.74 -32.08
N ASP B 13 -15.88 20.33 -31.60
CA ASP B 13 -16.81 21.22 -30.92
C ASP B 13 -17.82 20.32 -30.21
N SER B 14 -18.77 20.93 -29.50
CA SER B 14 -19.74 20.17 -28.70
C SER B 14 -20.71 19.39 -29.57
N GLY B 15 -21.26 20.05 -30.59
CA GLY B 15 -22.26 19.46 -31.46
C GLY B 15 -21.77 18.28 -32.27
N ARG B 16 -20.49 18.29 -32.62
CA ARG B 16 -19.94 17.26 -33.51
C ARG B 16 -18.90 16.34 -32.83
N GLY B 17 -18.59 16.59 -31.56
CA GLY B 17 -17.56 15.83 -30.84
C GLY B 17 -16.12 16.40 -30.89
N TYR B 18 -15.33 16.01 -29.88
CA TYR B 18 -13.91 16.32 -29.81
C TYR B 18 -13.05 15.15 -30.22
N TYR B 19 -11.97 15.44 -30.96
CA TYR B 19 -11.12 14.38 -31.49
C TYR B 19 -9.62 14.63 -31.39
N LEU B 20 -8.87 13.54 -31.32
CA LEU B 20 -7.44 13.53 -31.00
C LEU B 20 -6.69 12.96 -32.21
N GLU B 21 -5.59 13.60 -32.61
N GLU B 21 -5.59 13.59 -32.61
CA GLU B 21 -4.72 13.06 -33.67
CA GLU B 21 -4.79 13.06 -33.72
C GLU B 21 -4.08 11.80 -33.18
C GLU B 21 -4.04 11.84 -33.23
N MET B 22 -4.20 10.73 -33.97
CA MET B 22 -3.57 9.47 -33.61
C MET B 22 -2.95 8.88 -34.84
N LEU B 23 -1.82 8.21 -34.64
CA LEU B 23 -1.07 7.66 -35.74
C LEU B 23 -1.07 6.17 -35.56
N ILE B 24 -1.69 5.44 -36.48
CA ILE B 24 -1.79 3.98 -36.34
C ILE B 24 -0.94 3.23 -37.37
N GLY B 25 -0.09 2.33 -36.89
CA GLY B 25 0.67 1.40 -37.74
C GLY B 25 2.10 1.81 -38.04
N THR B 26 2.78 0.95 -38.81
CA THR B 26 4.15 1.19 -39.28
C THR B 26 4.25 1.08 -40.80
N PRO B 27 4.61 2.19 -41.48
CA PRO B 27 4.81 3.51 -40.90
C PRO B 27 3.48 4.10 -40.49
N PRO B 28 3.48 5.09 -39.56
CA PRO B 28 2.25 5.65 -38.98
C PRO B 28 1.23 6.25 -39.98
N GLN B 29 -0.01 5.77 -39.94
CA GLN B 29 -1.13 6.38 -40.67
C GLN B 29 -1.90 7.33 -39.76
N LYS B 30 -2.15 8.57 -40.22
CA LYS B 30 -2.83 9.57 -39.39
C LYS B 30 -4.38 9.47 -39.32
N LEU B 31 -4.94 9.34 -38.13
CA LEU B 31 -6.42 9.38 -38.02
C LEU B 31 -6.89 10.45 -37.03
N GLN B 32 -8.14 10.88 -37.15
CA GLN B 32 -8.74 11.82 -36.21
C GLN B 32 -9.74 11.04 -35.36
N ILE B 33 -9.48 10.98 -34.05
CA ILE B 33 -10.22 10.06 -33.20
C ILE B 33 -11.14 10.71 -32.13
N LEU B 34 -12.44 10.44 -32.22
CA LEU B 34 -13.42 10.90 -31.22
C LEU B 34 -13.08 10.45 -29.80
N VAL B 35 -13.08 11.40 -28.88
CA VAL B 35 -12.80 11.09 -27.49
C VAL B 35 -14.10 10.75 -26.78
N ASP B 36 -14.25 9.52 -26.33
CA ASP B 36 -15.54 9.03 -25.81
C ASP B 36 -15.45 8.38 -24.43
N THR B 37 -15.85 9.11 -23.40
CA THR B 37 -15.78 8.53 -22.03
C THR B 37 -17.01 7.65 -21.71
N GLY B 38 -17.81 7.37 -22.72
CA GLY B 38 -19.03 6.59 -22.55
C GLY B 38 -18.94 5.20 -23.14
N SER B 39 -17.81 4.86 -23.76
CA SER B 39 -17.57 3.50 -24.31
C SER B 39 -16.16 3.04 -24.02
N SER B 40 -15.82 1.81 -24.41
CA SER B 40 -14.56 1.24 -23.97
C SER B 40 -13.68 0.59 -25.03
N ASN B 41 -14.07 0.71 -26.30
CA ASN B 41 -13.28 0.16 -27.39
C ASN B 41 -12.52 1.23 -28.16
N PHE B 42 -11.34 0.86 -28.67
CA PHE B 42 -10.67 1.66 -29.63
C PHE B 42 -11.03 1.08 -30.99
N ALA B 43 -11.78 1.85 -31.79
CA ALA B 43 -12.21 1.38 -33.09
C ALA B 43 -11.91 2.44 -34.17
N VAL B 44 -11.47 2.01 -35.34
CA VAL B 44 -11.19 2.94 -36.46
C VAL B 44 -11.82 2.45 -37.76
N ALA B 45 -12.16 3.39 -38.64
CA ALA B 45 -12.62 3.04 -40.00
C ALA B 45 -11.55 2.24 -40.67
N GLY B 46 -11.96 1.18 -41.36
CA GLY B 46 -11.03 0.28 -42.03
C GLY B 46 -11.21 0.13 -43.53
N THR B 47 -12.30 0.67 -44.05
CA THR B 47 -12.61 0.67 -45.48
C THR B 47 -13.19 2.04 -45.86
N PRO B 48 -13.28 2.34 -47.17
CA PRO B 48 -13.83 3.65 -47.49
C PRO B 48 -15.30 3.76 -47.10
N HIS B 49 -15.71 4.99 -46.83
CA HIS B 49 -17.07 5.31 -46.48
C HIS B 49 -17.21 6.76 -46.89
N SER B 50 -18.38 7.10 -47.44
CA SER B 50 -18.61 8.38 -48.08
C SER B 50 -18.51 9.61 -47.16
N TYR B 51 -18.72 9.41 -45.87
CA TYR B 51 -18.67 10.53 -44.91
C TYR B 51 -17.32 10.72 -44.19
N ILE B 52 -16.29 9.99 -44.64
CA ILE B 52 -14.92 10.10 -44.12
C ILE B 52 -13.88 10.24 -45.25
N ASP B 53 -12.82 11.00 -44.99
CA ASP B 53 -11.70 11.16 -45.94
C ASP B 53 -10.85 9.93 -46.04
N THR B 54 -10.60 9.34 -44.89
CA THR B 54 -9.45 8.47 -44.71
C THR B 54 -9.75 7.39 -43.69
N TYR B 55 -9.01 6.30 -43.76
CA TYR B 55 -9.24 5.16 -42.87
C TYR B 55 -7.95 4.41 -42.62
N PHE B 56 -8.00 3.48 -41.69
CA PHE B 56 -6.87 2.63 -41.43
C PHE B 56 -6.82 1.43 -42.39
N ASP B 57 -5.76 1.40 -43.19
CA ASP B 57 -5.55 0.37 -44.18
C ASP B 57 -4.45 -0.55 -43.64
N THR B 58 -4.87 -1.76 -43.24
CA THR B 58 -4.01 -2.70 -42.54
C THR B 58 -2.84 -3.17 -43.40
N GLU B 59 -3.08 -3.30 -44.70
CA GLU B 59 -2.03 -3.78 -45.63
C GLU B 59 -0.76 -2.93 -45.65
N ARG B 60 -0.92 -1.63 -45.41
CA ARG B 60 0.23 -0.68 -45.41
C ARG B 60 0.98 -0.68 -44.08
N SER B 61 0.45 -1.40 -43.09
CA SER B 61 1.10 -1.54 -41.81
C SER B 61 1.85 -2.86 -41.66
N SER B 62 3.17 -2.75 -41.51
CA SER B 62 4.02 -3.92 -41.36
C SER B 62 3.95 -4.57 -39.98
N THR B 63 3.28 -3.93 -39.02
CA THR B 63 3.21 -4.46 -37.66
C THR B 63 1.78 -4.87 -37.27
N TYR B 64 0.82 -4.72 -38.17
CA TYR B 64 -0.57 -5.09 -37.89
C TYR B 64 -0.73 -6.62 -37.70
N ARG B 65 -1.50 -7.03 -36.69
CA ARG B 65 -1.77 -8.45 -36.44
C ARG B 65 -3.21 -8.64 -36.01
N SER B 66 -3.86 -9.71 -36.50
CA SER B 66 -5.25 -10.01 -36.18
C SER B 66 -5.35 -10.79 -34.90
N LYS B 67 -6.46 -10.62 -34.18
CA LYS B 67 -6.70 -11.43 -32.98
C LYS B 67 -7.56 -12.64 -33.34
N GLY B 68 -8.07 -12.68 -34.56
CA GLY B 68 -8.84 -13.81 -35.05
C GLY B 68 -10.33 -13.83 -34.78
N PHE B 69 -10.89 -12.72 -34.34
CA PHE B 69 -12.32 -12.60 -34.09
C PHE B 69 -12.81 -11.17 -34.42
N ASP B 70 -14.10 -11.06 -34.68
CA ASP B 70 -14.76 -9.78 -34.96
C ASP B 70 -15.55 -9.28 -33.76
N VAL B 71 -16.03 -8.06 -33.88
CA VAL B 71 -16.92 -7.50 -32.88
C VAL B 71 -17.90 -6.59 -33.58
N THR B 72 -19.09 -6.53 -33.01
CA THR B 72 -20.18 -5.74 -33.52
C THR B 72 -20.72 -4.98 -32.33
N VAL B 73 -20.65 -3.66 -32.42
CA VAL B 73 -21.20 -2.81 -31.39
C VAL B 73 -22.47 -2.14 -31.90
N LYS B 74 -23.53 -2.22 -31.10
CA LYS B 74 -24.82 -1.64 -31.46
C LYS B 74 -25.19 -0.60 -30.46
N TYR B 75 -25.54 0.59 -30.94
CA TYR B 75 -26.17 1.61 -30.13
C TYR B 75 -27.61 1.72 -30.62
N THR B 76 -28.48 2.39 -29.85
CA THR B 76 -29.88 2.65 -30.26
C THR B 76 -29.88 3.25 -31.66
N GLN B 77 -29.14 4.35 -31.80
CA GLN B 77 -28.82 4.92 -33.11
C GLN B 77 -27.39 4.50 -33.52
N GLY B 78 -27.29 3.73 -34.60
CA GLY B 78 -26.00 3.34 -35.19
C GLY B 78 -25.41 1.99 -34.77
N SER B 79 -24.71 1.36 -35.69
CA SER B 79 -23.90 0.21 -35.34
C SER B 79 -22.65 0.09 -36.20
N TRP B 80 -21.71 -0.73 -35.73
CA TRP B 80 -20.55 -1.06 -36.56
C TRP B 80 -20.03 -2.46 -36.26
N THR B 81 -19.41 -3.06 -37.27
CA THR B 81 -18.73 -4.33 -37.15
C THR B 81 -17.28 -4.15 -37.58
N GLY B 82 -16.37 -4.65 -36.76
CA GLY B 82 -14.95 -4.56 -37.08
C GLY B 82 -14.22 -5.85 -36.81
N PHE B 83 -13.10 -6.06 -37.50
CA PHE B 83 -12.19 -7.13 -37.10
C PHE B 83 -11.25 -6.58 -36.02
N VAL B 84 -10.95 -7.43 -35.05
CA VAL B 84 -10.14 -7.05 -33.91
C VAL B 84 -8.72 -7.51 -34.10
N GLY B 85 -7.78 -6.57 -33.94
CA GLY B 85 -6.37 -6.88 -33.94
C GLY B 85 -5.52 -5.94 -33.06
N GLU B 86 -4.24 -5.90 -33.39
CA GLU B 86 -3.23 -5.29 -32.55
C GLU B 86 -2.33 -4.50 -33.46
N ASP B 87 -1.96 -3.30 -33.02
CA ASP B 87 -0.92 -2.54 -33.71
C ASP B 87 -0.38 -1.38 -32.87
N LEU B 88 0.65 -0.70 -33.41
CA LEU B 88 1.33 0.37 -32.72
C LEU B 88 0.62 1.71 -32.93
N VAL B 89 0.34 2.39 -31.84
CA VAL B 89 -0.33 3.68 -31.96
C VAL B 89 0.53 4.75 -31.29
N THR B 90 0.60 5.91 -31.93
CA THR B 90 1.34 7.07 -31.43
C THR B 90 0.35 8.21 -31.18
N ILE B 91 0.53 8.93 -30.07
CA ILE B 91 -0.17 10.18 -29.82
C ILE B 91 0.85 11.31 -29.92
N PRO B 92 0.90 12.03 -31.06
CA PRO B 92 1.98 13.02 -31.26
C PRO B 92 1.98 14.13 -30.20
N LYS B 93 0.82 14.58 -29.80
CA LYS B 93 0.73 15.62 -28.79
C LYS B 93 0.51 14.98 -27.41
N GLY B 94 1.63 14.77 -26.72
CA GLY B 94 1.62 14.14 -25.40
C GLY B 94 2.75 13.15 -25.12
N PHE B 95 2.98 12.23 -26.07
CA PHE B 95 3.93 11.14 -25.87
C PHE B 95 4.92 11.03 -27.03
N ASN B 96 6.13 10.56 -26.76
CA ASN B 96 7.14 10.38 -27.81
C ASN B 96 7.27 8.91 -28.22
N THR B 97 6.87 8.02 -27.32
CA THR B 97 7.03 6.59 -27.50
C THR B 97 5.76 6.02 -28.17
N SER B 98 5.77 4.77 -28.61
CA SER B 98 4.56 4.23 -29.25
C SER B 98 4.04 2.96 -28.59
N PHE B 99 2.72 2.76 -28.63
CA PHE B 99 2.08 1.77 -27.78
C PHE B 99 1.37 0.71 -28.58
N LEU B 100 1.53 -0.52 -28.10
CA LEU B 100 0.91 -1.66 -28.71
C LEU B 100 -0.43 -1.85 -28.02
N VAL B 101 -1.51 -1.60 -28.79
CA VAL B 101 -2.88 -1.64 -28.29
C VAL B 101 -3.79 -2.50 -29.15
N ASN B 102 -4.95 -2.82 -28.59
CA ASN B 102 -6.04 -3.43 -29.30
C ASN B 102 -6.78 -2.40 -30.17
N ILE B 103 -7.25 -2.85 -31.32
CA ILE B 103 -7.94 -1.94 -32.22
C ILE B 103 -8.92 -2.69 -33.08
N ALA B 104 -10.15 -2.19 -33.12
CA ALA B 104 -11.19 -2.74 -34.00
C ALA B 104 -11.22 -1.97 -35.32
N THR B 105 -11.08 -2.68 -36.43
CA THR B 105 -11.04 -2.01 -37.72
C THR B 105 -12.35 -2.28 -38.37
N ILE B 106 -13.10 -1.20 -38.53
CA ILE B 106 -14.49 -1.27 -38.91
C ILE B 106 -14.60 -1.55 -40.41
N PHE B 107 -15.36 -2.59 -40.77
CA PHE B 107 -15.51 -2.95 -42.19
C PHE B 107 -16.98 -2.88 -42.67
N GLU B 108 -17.91 -2.83 -41.73
CA GLU B 108 -19.25 -2.36 -42.03
C GLU B 108 -19.83 -1.59 -40.87
N SER B 109 -20.67 -0.61 -41.19
CA SER B 109 -21.27 0.26 -40.18
C SER B 109 -22.56 0.76 -40.73
N GLU B 110 -23.43 1.25 -39.86
CA GLU B 110 -24.62 1.94 -40.30
C GLU B 110 -24.93 3.10 -39.36
N ASN B 111 -25.09 4.29 -39.94
CA ASN B 111 -25.40 5.51 -39.19
C ASN B 111 -24.38 5.84 -38.11
N PHE B 112 -23.14 5.39 -38.30
CA PHE B 112 -22.12 5.62 -37.30
C PHE B 112 -21.28 6.79 -37.75
N PHE B 113 -20.79 6.74 -38.97
CA PHE B 113 -20.05 7.85 -39.57
C PHE B 113 -21.04 8.79 -40.24
N LEU B 114 -21.33 9.90 -39.57
CA LEU B 114 -22.37 10.81 -39.98
C LEU B 114 -21.81 11.91 -40.88
N PRO B 115 -22.68 12.60 -41.66
CA PRO B 115 -22.14 13.57 -42.62
C PRO B 115 -21.59 14.82 -41.91
N GLY B 116 -20.50 15.36 -42.46
CA GLY B 116 -19.88 16.57 -41.91
C GLY B 116 -19.00 16.35 -40.69
N ILE B 117 -19.09 15.15 -40.10
CA ILE B 117 -18.25 14.76 -38.98
C ILE B 117 -16.81 14.57 -39.44
N LYS B 118 -15.88 15.09 -38.66
CA LYS B 118 -14.45 15.05 -39.04
C LYS B 118 -13.66 13.83 -38.52
N TRP B 119 -14.16 13.14 -37.49
CA TRP B 119 -13.44 11.97 -36.98
C TRP B 119 -13.67 10.76 -37.84
N ASN B 120 -12.78 9.78 -37.74
CA ASN B 120 -12.91 8.54 -38.48
C ASN B 120 -12.57 7.33 -37.61
N GLY B 121 -12.66 7.53 -36.28
CA GLY B 121 -12.67 6.46 -35.28
C GLY B 121 -13.02 7.01 -33.91
N ILE B 122 -13.16 6.14 -32.91
N ILE B 122 -13.03 6.16 -32.89
CA ILE B 122 -13.48 6.56 -31.54
CA ILE B 122 -13.52 6.52 -31.56
C ILE B 122 -12.48 5.99 -30.55
C ILE B 122 -12.64 5.94 -30.46
N LEU B 123 -12.15 6.79 -29.55
CA LEU B 123 -11.31 6.32 -28.46
C LEU B 123 -12.25 6.16 -27.28
N GLY B 124 -12.56 4.91 -26.92
CA GLY B 124 -13.38 4.58 -25.73
C GLY B 124 -12.58 4.64 -24.44
N LEU B 125 -12.87 5.62 -23.58
CA LEU B 125 -12.09 5.82 -22.33
C LEU B 125 -12.79 5.39 -21.04
N ALA B 126 -13.91 4.71 -21.17
CA ALA B 126 -14.62 4.16 -20.01
C ALA B 126 -13.90 2.90 -19.49
N TYR B 127 -14.56 2.11 -18.62
CA TYR B 127 -13.88 0.98 -17.97
C TYR B 127 -14.08 -0.33 -18.74
N ALA B 128 -13.18 -1.28 -18.47
CA ALA B 128 -13.18 -2.63 -19.05
C ALA B 128 -14.54 -3.31 -19.17
N THR B 129 -15.42 -3.10 -18.18
CA THR B 129 -16.72 -3.77 -18.17
C THR B 129 -17.53 -3.54 -19.43
N LEU B 130 -17.46 -2.34 -19.99
CA LEU B 130 -18.15 -2.05 -21.23
C LEU B 130 -17.41 -2.52 -22.49
N ALA B 131 -16.17 -2.99 -22.35
CA ALA B 131 -15.45 -3.48 -23.53
C ALA B 131 -16.21 -4.62 -24.24
N LYS B 132 -16.19 -4.56 -25.57
CA LYS B 132 -16.78 -5.61 -26.40
C LYS B 132 -15.67 -6.30 -27.20
N PRO B 133 -15.76 -7.62 -27.42
CA PRO B 133 -16.86 -8.53 -27.06
C PRO B 133 -16.97 -8.81 -25.58
N SER B 134 -15.90 -8.57 -24.84
CA SER B 134 -15.94 -8.72 -23.40
C SER B 134 -14.80 -7.94 -22.78
N SER B 135 -14.77 -7.96 -21.45
CA SER B 135 -13.81 -7.22 -20.66
C SER B 135 -12.40 -7.77 -20.70
N SER B 136 -12.21 -8.85 -21.46
CA SER B 136 -10.88 -9.45 -21.64
C SER B 136 -10.02 -8.59 -22.58
N LEU B 137 -10.69 -7.90 -23.50
CA LEU B 137 -10.02 -7.06 -24.48
C LEU B 137 -9.48 -5.78 -23.84
N GLU B 138 -8.21 -5.78 -23.45
CA GLU B 138 -7.59 -4.65 -22.77
C GLU B 138 -7.94 -3.30 -23.42
N THR B 139 -8.40 -2.34 -22.62
CA THR B 139 -8.78 -1.04 -23.14
C THR B 139 -7.56 -0.19 -23.50
N PHE B 140 -7.78 0.85 -24.27
CA PHE B 140 -6.66 1.68 -24.70
C PHE B 140 -5.94 2.31 -23.52
N PHE B 141 -6.73 2.93 -22.63
CA PHE B 141 -6.16 3.57 -21.45
C PHE B 141 -5.48 2.60 -20.49
N ASP B 142 -5.98 1.38 -20.34
CA ASP B 142 -5.18 0.40 -19.59
C ASP B 142 -3.79 0.12 -20.22
N SER B 143 -3.74 0.01 -21.54
CA SER B 143 -2.48 -0.22 -22.24
C SER B 143 -1.60 1.00 -22.04
N LEU B 144 -2.23 2.17 -22.02
CA LEU B 144 -1.51 3.42 -21.90
C LEU B 144 -0.86 3.59 -20.52
N VAL B 145 -1.65 3.39 -19.47
CA VAL B 145 -1.14 3.46 -18.12
C VAL B 145 0.13 2.62 -18.03
N THR B 146 0.00 1.33 -18.36
CA THR B 146 1.14 0.41 -18.30
C THR B 146 2.38 0.77 -19.13
N GLN B 147 2.19 1.17 -20.38
CA GLN B 147 3.32 1.32 -21.31
C GLN B 147 3.85 2.75 -21.37
N ALA B 148 3.05 3.70 -20.91
CA ALA B 148 3.41 5.10 -21.02
C ALA B 148 3.82 5.70 -19.68
N ASN B 149 3.78 4.88 -18.63
CA ASN B 149 4.23 5.30 -17.30
C ASN B 149 3.43 6.41 -16.64
N ILE B 150 2.11 6.42 -16.81
CA ILE B 150 1.30 7.55 -16.30
C ILE B 150 0.39 7.10 -15.18
N PRO B 151 -0.02 8.04 -14.29
CA PRO B 151 -1.03 7.72 -13.30
C PRO B 151 -2.34 7.32 -13.97
N ASN B 152 -3.13 6.50 -13.27
CA ASN B 152 -4.45 6.08 -13.75
C ASN B 152 -5.46 7.21 -13.58
N VAL B 153 -5.33 8.23 -14.42
CA VAL B 153 -6.08 9.49 -14.35
C VAL B 153 -6.01 10.17 -15.71
N PHE B 154 -7.12 10.72 -16.20
CA PHE B 154 -7.09 11.69 -17.34
C PHE B 154 -8.05 12.82 -17.06
N SER B 155 -7.84 13.95 -17.73
CA SER B 155 -8.71 15.09 -17.51
C SER B 155 -9.01 15.72 -18.86
N MET B 156 -10.19 16.31 -19.00
CA MET B 156 -10.66 16.76 -20.29
C MET B 156 -11.22 18.17 -20.25
N GLN B 157 -10.82 19.00 -21.20
CA GLN B 157 -11.39 20.35 -21.34
C GLN B 157 -11.96 20.56 -22.75
N MET B 158 -13.17 21.11 -22.82
CA MET B 158 -13.76 21.45 -24.11
C MET B 158 -13.87 22.96 -24.22
N CYS B 159 -13.52 23.50 -25.37
CA CYS B 159 -13.58 24.97 -25.57
C CYS B 159 -14.43 25.44 -26.75
N GLY B 160 -15.69 25.05 -26.80
CA GLY B 160 -16.55 25.43 -27.92
C GLY B 160 -17.73 26.32 -27.57
N ALA B 161 -17.71 26.92 -26.38
CA ALA B 161 -18.82 27.79 -25.93
C ALA B 161 -19.22 28.84 -26.96
N GLY B 162 -20.49 28.83 -27.35
CA GLY B 162 -21.05 29.87 -28.22
C GLY B 162 -20.76 29.72 -29.70
N LEU B 163 -20.09 28.64 -30.07
CA LEU B 163 -19.79 28.34 -31.46
C LEU B 163 -21.00 27.76 -32.20
N PRO B 164 -21.12 28.09 -33.50
CA PRO B 164 -22.18 27.57 -34.37
C PRO B 164 -22.19 26.04 -34.33
N VAL B 165 -23.35 25.44 -34.14
CA VAL B 165 -23.46 23.97 -34.19
C VAL B 165 -23.24 23.43 -35.60
N ALA B 166 -23.84 24.11 -36.58
CA ALA B 166 -23.53 23.86 -37.98
C ALA B 166 -22.30 24.68 -38.33
N GLY B 172 -11.70 24.00 -30.15
CA GLY B 172 -10.52 23.47 -29.48
C GLY B 172 -10.80 22.69 -28.20
N GLY B 173 -9.80 21.98 -27.70
CA GLY B 173 -9.89 21.35 -26.38
C GLY B 173 -8.61 20.66 -25.96
N SER B 174 -8.64 20.04 -24.79
CA SER B 174 -7.49 19.36 -24.23
C SER B 174 -7.89 18.03 -23.58
N LEU B 175 -7.15 16.98 -23.95
CA LEU B 175 -7.26 15.70 -23.27
C LEU B 175 -5.92 15.43 -22.65
N VAL B 176 -5.86 15.56 -21.34
CA VAL B 176 -4.61 15.32 -20.63
C VAL B 176 -4.58 13.90 -20.10
N LEU B 177 -3.78 13.07 -20.74
CA LEU B 177 -3.62 11.68 -20.34
C LEU B 177 -2.50 11.55 -19.29
N GLY B 178 -2.85 11.05 -18.11
CA GLY B 178 -1.89 10.94 -17.01
C GLY B 178 -2.03 11.93 -15.86
N GLY B 179 -2.87 12.95 -15.99
CA GLY B 179 -3.10 13.85 -14.86
C GLY B 179 -3.86 15.12 -15.13
N ILE B 180 -3.49 16.15 -14.37
CA ILE B 180 -4.20 17.43 -14.30
C ILE B 180 -3.23 18.55 -14.69
N GLU B 181 -3.65 19.43 -15.57
CA GLU B 181 -2.79 20.51 -16.01
C GLU B 181 -3.32 21.78 -15.34
N PRO B 182 -2.53 22.36 -14.43
CA PRO B 182 -3.04 23.44 -13.56
C PRO B 182 -3.60 24.68 -14.29
N SER B 183 -3.19 24.89 -15.53
CA SER B 183 -3.56 26.09 -16.26
C SER B 183 -4.94 25.99 -16.90
N LEU B 184 -5.51 24.79 -16.93
CA LEU B 184 -6.79 24.63 -17.58
C LEU B 184 -7.98 24.93 -16.65
N TYR B 185 -7.74 25.21 -15.36
CA TYR B 185 -8.89 25.50 -14.49
C TYR B 185 -8.68 26.76 -13.64
N LYS B 186 -9.77 27.39 -13.21
CA LYS B 186 -9.68 28.52 -12.28
C LYS B 186 -10.39 28.12 -11.02
N GLY B 187 -9.97 28.65 -9.87
CA GLY B 187 -10.58 28.30 -8.58
C GLY B 187 -10.33 26.87 -8.15
N ASP B 188 -11.34 26.25 -7.52
CA ASP B 188 -11.20 24.95 -6.84
C ASP B 188 -11.74 23.80 -7.67
N ILE B 189 -11.11 22.64 -7.49
CA ILE B 189 -11.62 21.38 -8.00
C ILE B 189 -12.56 20.79 -6.94
N TRP B 190 -13.73 20.33 -7.33
CA TRP B 190 -14.62 19.64 -6.40
C TRP B 190 -14.78 18.19 -6.88
N TYR B 191 -14.70 17.25 -5.96
CA TYR B 191 -14.75 15.81 -6.30
C TYR B 191 -16.06 15.12 -5.88
N THR B 192 -16.59 14.31 -6.79
CA THR B 192 -17.78 13.51 -6.53
C THR B 192 -17.41 12.02 -6.70
N PRO B 193 -17.86 11.15 -5.76
CA PRO B 193 -17.55 9.72 -5.84
C PRO B 193 -18.03 9.08 -7.13
N ILE B 194 -17.19 8.25 -7.75
CA ILE B 194 -17.69 7.33 -8.79
C ILE B 194 -18.50 6.21 -8.07
N LYS B 195 -19.72 5.95 -8.51
CA LYS B 195 -20.55 5.03 -7.76
C LYS B 195 -20.40 3.59 -8.25
N GLU B 196 -20.19 3.43 -9.55
CA GLU B 196 -19.89 2.14 -10.13
C GLU B 196 -18.95 2.40 -11.30
N GLU B 197 -17.97 1.52 -11.47
CA GLU B 197 -16.94 1.68 -12.48
C GLU B 197 -17.32 0.90 -13.71
N TRP B 198 -18.10 1.52 -14.58
CA TRP B 198 -18.39 0.97 -15.87
C TRP B 198 -18.39 2.14 -16.80
N TYR B 199 -19.50 2.86 -16.86
CA TYR B 199 -19.51 4.29 -17.23
C TYR B 199 -18.97 5.03 -16.01
N TYR B 200 -18.63 6.31 -16.19
CA TYR B 200 -18.30 7.18 -15.06
C TYR B 200 -19.61 7.59 -14.42
N GLN B 201 -20.16 6.69 -13.60
CA GLN B 201 -21.41 6.95 -12.94
C GLN B 201 -21.17 7.71 -11.64
N ILE B 202 -21.90 8.81 -11.47
CA ILE B 202 -21.81 9.65 -10.28
C ILE B 202 -23.21 9.86 -9.73
N GLU B 203 -23.35 10.48 -8.55
CA GLU B 203 -24.67 10.70 -7.93
C GLU B 203 -25.15 12.16 -7.95
N ILE B 204 -26.25 12.37 -8.68
CA ILE B 204 -26.93 13.65 -8.75
C ILE B 204 -28.00 13.77 -7.68
N LEU B 205 -28.03 14.91 -6.99
CA LEU B 205 -28.97 15.09 -5.86
C LEU B 205 -30.23 15.86 -6.23
N LYS B 206 -30.09 16.77 -7.19
CA LYS B 206 -31.06 17.83 -7.41
C LYS B 206 -30.62 18.66 -8.63
N LEU B 207 -31.59 19.03 -9.47
CA LEU B 207 -31.42 20.08 -10.44
C LEU B 207 -32.23 21.29 -10.00
N GLU B 208 -31.66 22.48 -10.19
CA GLU B 208 -32.33 23.74 -9.91
C GLU B 208 -32.37 24.62 -11.15
N ILE B 209 -33.54 25.21 -11.37
CA ILE B 209 -33.78 26.10 -12.50
C ILE B 209 -34.04 27.52 -12.02
N GLY B 210 -33.18 28.44 -12.44
CA GLY B 210 -33.22 29.81 -11.95
C GLY B 210 -33.42 29.90 -10.44
N GLY B 211 -32.55 29.24 -9.70
CA GLY B 211 -32.67 29.15 -8.24
C GLY B 211 -33.86 28.35 -7.70
N GLN B 212 -34.74 27.88 -8.58
CA GLN B 212 -35.96 27.18 -8.14
C GLN B 212 -35.81 25.67 -8.24
N SER B 213 -36.00 24.99 -7.12
CA SER B 213 -35.90 23.51 -7.11
C SER B 213 -36.98 22.86 -7.97
N LEU B 214 -36.65 21.72 -8.58
CA LEU B 214 -37.66 20.86 -9.18
C LEU B 214 -38.36 20.08 -8.03
N ASN B 215 -39.51 19.48 -8.31
CA ASN B 215 -40.31 18.87 -7.25
C ASN B 215 -40.01 17.38 -7.04
N LEU B 216 -38.81 16.95 -7.43
CA LEU B 216 -38.56 15.52 -7.65
C LEU B 216 -37.77 14.83 -6.54
N ASP B 217 -38.05 13.54 -6.35
CA ASP B 217 -37.24 12.67 -5.52
C ASP B 217 -35.88 12.47 -6.19
N CYS B 218 -34.84 12.40 -5.38
CA CYS B 218 -33.48 12.42 -5.90
C CYS B 218 -33.07 11.12 -6.59
N ARG B 219 -33.82 10.04 -6.29
CA ARG B 219 -33.79 8.78 -7.03
C ARG B 219 -34.04 9.01 -8.53
N GLU B 220 -34.86 10.01 -8.82
CA GLU B 220 -35.30 10.27 -10.18
C GLU B 220 -34.15 10.64 -11.11
N TYR B 221 -33.16 11.35 -10.57
CA TYR B 221 -32.03 11.77 -11.37
C TYR B 221 -31.08 10.61 -11.61
N ASN B 222 -31.11 9.65 -10.69
CA ASN B 222 -30.28 8.45 -10.78
C ASN B 222 -31.13 7.23 -11.19
N ALA B 223 -32.26 7.53 -11.83
CA ALA B 223 -33.18 6.52 -12.41
C ALA B 223 -32.47 5.83 -13.55
N ASP B 224 -31.97 4.62 -13.25
CA ASP B 224 -30.99 3.88 -14.05
C ASP B 224 -29.57 4.28 -13.67
N LYS B 225 -29.12 5.43 -14.18
CA LYS B 225 -27.75 5.89 -13.93
C LYS B 225 -27.56 7.36 -14.30
N ALA B 226 -26.66 8.05 -13.61
CA ALA B 226 -26.21 9.35 -14.05
C ALA B 226 -24.72 9.28 -14.39
N ILE B 227 -24.37 9.66 -15.61
CA ILE B 227 -23.01 9.47 -16.09
C ILE B 227 -22.41 10.71 -16.80
N VAL B 228 -21.09 10.79 -16.84
CA VAL B 228 -20.43 11.89 -17.53
C VAL B 228 -19.86 11.32 -18.82
N ASP B 229 -20.40 11.76 -19.95
CA ASP B 229 -20.03 11.16 -21.23
C ASP B 229 -19.68 12.17 -22.33
N SER B 230 -18.40 12.22 -22.69
CA SER B 230 -17.88 13.22 -23.66
C SER B 230 -18.35 12.89 -25.05
N GLY B 231 -18.63 11.62 -25.29
CA GLY B 231 -19.23 11.19 -26.56
C GLY B 231 -20.71 11.48 -26.77
N THR B 232 -21.38 12.02 -25.76
CA THR B 232 -22.77 12.48 -25.93
C THR B 232 -22.78 13.99 -26.09
N THR B 233 -23.56 14.47 -27.05
CA THR B 233 -23.58 15.89 -27.36
C THR B 233 -24.36 16.73 -26.34
N LEU B 234 -25.56 16.27 -25.98
CA LEU B 234 -26.49 17.07 -25.21
C LEU B 234 -26.57 16.67 -23.76
N LEU B 235 -27.26 17.48 -22.98
CA LEU B 235 -27.63 17.08 -21.64
C LEU B 235 -28.87 16.22 -21.82
N ARG B 236 -28.77 14.97 -21.41
CA ARG B 236 -29.89 14.03 -21.55
C ARG B 236 -30.46 13.75 -20.19
N LEU B 237 -31.78 13.84 -20.09
CA LEU B 237 -32.50 13.66 -18.84
C LEU B 237 -33.58 12.62 -19.02
N PRO B 238 -33.79 11.78 -18.00
CA PRO B 238 -34.92 10.86 -18.06
C PRO B 238 -36.21 11.64 -18.13
N GLN B 239 -37.20 11.05 -18.78
CA GLN B 239 -38.45 11.72 -19.15
C GLN B 239 -39.04 12.60 -18.05
N LYS B 240 -39.17 12.05 -16.86
CA LYS B 240 -39.80 12.79 -15.78
C LYS B 240 -38.97 14.02 -15.41
N VAL B 241 -37.64 13.88 -15.43
CA VAL B 241 -36.76 15.01 -15.14
C VAL B 241 -36.90 16.01 -16.30
N PHE B 242 -36.81 15.48 -17.52
CA PHE B 242 -36.96 16.30 -18.71
C PHE B 242 -38.18 17.22 -18.69
N ASP B 243 -39.38 16.62 -18.55
CA ASP B 243 -40.62 17.40 -18.51
C ASP B 243 -40.61 18.41 -17.40
N ALA B 244 -40.17 18.01 -16.21
CA ALA B 244 -40.01 18.95 -15.12
C ALA B 244 -39.11 20.14 -15.51
N VAL B 245 -38.02 19.87 -16.23
CA VAL B 245 -37.06 20.91 -16.60
C VAL B 245 -37.62 21.85 -17.67
N VAL B 246 -38.22 21.30 -18.72
CA VAL B 246 -38.87 22.08 -19.78
C VAL B 246 -39.95 22.98 -19.19
N GLU B 247 -40.76 22.41 -18.29
CA GLU B 247 -41.80 23.15 -17.59
C GLU B 247 -41.24 24.37 -16.86
N ALA B 248 -40.16 24.18 -16.11
CA ALA B 248 -39.56 25.24 -15.33
C ALA B 248 -38.92 26.27 -16.26
N VAL B 249 -38.22 25.77 -17.29
CA VAL B 249 -37.58 26.64 -18.27
C VAL B 249 -38.62 27.47 -19.00
N ALA B 250 -39.61 26.81 -19.60
CA ALA B 250 -40.69 27.52 -20.27
C ALA B 250 -41.31 28.56 -19.33
N ARG B 251 -41.60 28.14 -18.09
CA ARG B 251 -42.23 28.99 -17.09
C ARG B 251 -41.44 30.28 -16.89
N ALA B 252 -40.11 30.16 -16.92
CA ALA B 252 -39.22 31.28 -16.58
C ALA B 252 -38.63 32.01 -17.80
N SER B 253 -39.22 31.82 -18.98
CA SER B 253 -38.70 32.41 -20.23
C SER B 253 -39.68 32.49 -21.40
N LEU B 254 -39.81 33.67 -21.98
CA LEU B 254 -40.67 33.89 -23.15
C LEU B 254 -39.96 33.38 -24.40
N ILE B 255 -40.72 32.65 -25.22
CA ILE B 255 -40.18 31.96 -26.40
C ILE B 255 -41.16 32.01 -27.60
N ASP B 260 -45.15 24.20 -28.63
CA ASP B 260 -43.96 24.61 -29.37
C ASP B 260 -42.85 23.56 -29.30
N GLY B 261 -42.51 22.97 -30.44
CA GLY B 261 -41.52 21.89 -30.47
C GLY B 261 -40.06 22.29 -30.51
N PHE B 262 -39.74 23.47 -29.97
CA PHE B 262 -38.36 23.86 -29.67
C PHE B 262 -37.81 22.96 -28.56
N TRP B 263 -38.66 22.59 -27.62
CA TRP B 263 -38.28 21.80 -26.44
C TRP B 263 -38.02 20.33 -26.78
N THR B 264 -38.66 19.85 -27.85
CA THR B 264 -38.57 18.45 -28.26
C THR B 264 -37.58 18.28 -29.41
N GLY B 265 -36.93 19.38 -29.79
CA GLY B 265 -35.84 19.33 -30.76
C GLY B 265 -36.22 19.33 -32.23
N SER B 266 -37.51 19.17 -32.51
CA SER B 266 -38.07 19.17 -33.87
C SER B 266 -38.13 20.55 -34.53
N GLN B 267 -37.99 21.61 -33.73
CA GLN B 267 -37.99 23.00 -34.22
C GLN B 267 -36.89 23.83 -33.57
N LEU B 268 -36.51 24.92 -34.24
CA LEU B 268 -35.49 25.84 -33.76
C LEU B 268 -36.16 27.14 -33.40
N ALA B 269 -35.63 27.85 -32.40
CA ALA B 269 -36.12 29.19 -32.08
C ALA B 269 -35.17 30.27 -32.65
N CYS B 270 -35.71 31.18 -33.44
CA CYS B 270 -34.89 32.22 -34.09
C CYS B 270 -35.09 33.63 -33.53
N TRP B 271 -34.08 34.49 -33.66
CA TRP B 271 -34.16 35.88 -33.20
C TRP B 271 -33.32 36.81 -34.06
N THR B 272 -33.82 38.02 -34.34
CA THR B 272 -33.00 39.00 -35.09
C THR B 272 -31.76 39.35 -34.26
N ASN B 273 -30.66 39.69 -34.93
CA ASN B 273 -29.36 39.91 -34.24
C ASN B 273 -29.46 40.90 -33.06
N SER B 274 -30.48 41.76 -33.11
CA SER B 274 -30.76 42.75 -32.06
C SER B 274 -31.16 42.15 -30.70
N GLU B 275 -32.14 41.25 -30.71
CA GLU B 275 -32.80 40.79 -29.47
C GLU B 275 -31.88 40.10 -28.45
N THR B 276 -30.97 39.25 -28.92
CA THR B 276 -30.00 38.50 -28.08
C THR B 276 -30.65 37.73 -26.91
N PRO B 277 -31.27 36.58 -27.21
CA PRO B 277 -32.13 35.81 -26.32
C PRO B 277 -31.46 35.21 -25.08
N TRP B 278 -30.15 35.42 -24.94
CA TRP B 278 -29.40 34.82 -23.82
C TRP B 278 -29.76 35.32 -22.42
N SER B 279 -30.25 36.55 -22.32
CA SER B 279 -30.63 37.15 -21.05
C SER B 279 -32.07 36.81 -20.61
N TYR B 280 -32.85 36.22 -21.53
CA TYR B 280 -34.24 35.82 -21.28
C TYR B 280 -34.41 34.41 -20.67
N PHE B 281 -33.31 33.70 -20.43
CA PHE B 281 -33.38 32.31 -19.93
C PHE B 281 -32.71 32.13 -18.57
N PRO B 282 -33.15 31.12 -17.80
CA PRO B 282 -32.53 30.90 -16.48
C PRO B 282 -31.23 30.07 -16.51
N LYS B 283 -30.43 30.22 -15.46
CA LYS B 283 -29.33 29.36 -15.20
C LYS B 283 -29.89 27.97 -14.89
N ILE B 284 -29.09 26.94 -15.17
CA ILE B 284 -29.42 25.59 -14.74
C ILE B 284 -28.29 25.01 -13.90
N SER B 285 -28.64 24.48 -12.71
CA SER B 285 -27.66 23.95 -11.76
C SER B 285 -27.84 22.47 -11.49
N ILE B 286 -26.72 21.75 -11.43
CA ILE B 286 -26.71 20.34 -11.04
C ILE B 286 -25.91 20.18 -9.75
N TYR B 287 -26.58 19.62 -8.74
CA TYR B 287 -25.97 19.34 -7.45
C TYR B 287 -25.47 17.89 -7.42
N LEU B 288 -24.18 17.76 -7.08
CA LEU B 288 -23.47 16.50 -6.99
C LEU B 288 -22.98 16.30 -5.55
N ARG B 289 -23.03 15.05 -5.08
CA ARG B 289 -22.53 14.75 -3.74
C ARG B 289 -21.03 14.90 -3.69
N ASP B 290 -20.56 15.53 -2.61
CA ASP B 290 -19.12 15.66 -2.35
C ASP B 290 -18.61 14.32 -1.80
N GLU B 291 -17.30 14.21 -1.62
CA GLU B 291 -16.71 12.99 -1.05
C GLU B 291 -17.17 12.79 0.38
N ASN B 292 -17.41 13.91 1.07
CA ASN B 292 -18.10 13.93 2.36
C ASN B 292 -19.60 14.08 2.10
N SER B 293 -20.39 13.04 2.40
CA SER B 293 -21.77 13.03 1.95
C SER B 293 -22.69 14.04 2.65
N SER B 294 -22.19 14.66 3.71
CA SER B 294 -22.99 15.68 4.39
C SER B 294 -23.04 16.99 3.56
N ARG B 295 -22.17 17.08 2.54
CA ARG B 295 -22.16 18.24 1.65
C ARG B 295 -22.28 17.92 0.14
N SER B 296 -22.73 18.92 -0.61
CA SER B 296 -22.79 18.84 -2.04
C SER B 296 -22.20 20.12 -2.63
N PHE B 297 -21.82 20.06 -3.90
CA PHE B 297 -21.51 21.24 -4.68
C PHE B 297 -22.42 21.27 -5.91
N ARG B 298 -22.51 22.42 -6.54
CA ARG B 298 -23.33 22.53 -7.74
C ARG B 298 -22.53 23.02 -8.93
N ILE B 299 -22.80 22.41 -10.07
CA ILE B 299 -22.23 22.88 -11.30
C ILE B 299 -23.37 23.56 -12.03
N THR B 300 -23.09 24.75 -12.55
CA THR B 300 -24.09 25.63 -13.13
C THR B 300 -23.77 26.04 -14.57
N ILE B 301 -24.77 25.95 -15.45
CA ILE B 301 -24.63 26.49 -16.80
C ILE B 301 -25.57 27.66 -17.11
N LEU B 302 -25.01 28.68 -17.72
CA LEU B 302 -25.81 29.80 -18.23
C LEU B 302 -26.43 29.40 -19.58
N PRO B 303 -27.36 30.22 -20.11
CA PRO B 303 -28.04 29.83 -21.36
C PRO B 303 -27.13 29.75 -22.56
N GLN B 304 -26.03 30.50 -22.57
CA GLN B 304 -25.07 30.43 -23.67
C GLN B 304 -24.64 28.99 -23.95
N LEU B 305 -24.68 28.14 -22.93
CA LEU B 305 -24.31 26.74 -23.11
C LEU B 305 -25.48 25.84 -23.56
N TYR B 306 -26.71 26.11 -23.15
CA TYR B 306 -27.83 25.25 -23.54
C TYR B 306 -28.85 25.77 -24.59
N ILE B 307 -28.87 27.09 -24.83
CA ILE B 307 -29.55 27.68 -25.99
C ILE B 307 -28.48 27.88 -27.09
N GLN B 308 -28.37 26.88 -27.97
CA GLN B 308 -27.23 26.74 -28.87
C GLN B 308 -27.41 27.36 -30.27
N PRO B 309 -26.55 28.33 -30.63
CA PRO B 309 -26.63 28.95 -31.97
C PRO B 309 -26.28 27.96 -33.08
N MET B 310 -27.05 27.98 -34.16
CA MET B 310 -26.93 26.97 -35.20
C MET B 310 -25.99 27.40 -36.31
N MET B 311 -26.07 28.67 -36.70
CA MET B 311 -25.39 29.11 -37.91
C MET B 311 -24.24 30.09 -37.75
N GLY B 312 -24.31 30.98 -36.76
CA GLY B 312 -23.29 32.03 -36.59
C GLY B 312 -23.50 33.25 -37.49
N ALA B 313 -22.50 34.13 -37.53
CA ALA B 313 -22.59 35.42 -38.21
C ALA B 313 -22.87 35.32 -39.71
N GLY B 314 -23.52 36.35 -40.28
CA GLY B 314 -23.74 36.38 -41.72
C GLY B 314 -25.18 36.51 -42.19
N LEU B 315 -26.12 36.45 -41.26
CA LEU B 315 -27.53 36.67 -41.57
C LEU B 315 -28.07 37.71 -40.61
N ASN B 316 -29.25 38.24 -40.91
CA ASN B 316 -29.86 39.28 -40.09
C ASN B 316 -30.37 38.76 -38.72
N TYR B 317 -30.23 37.45 -38.50
CA TYR B 317 -30.78 36.77 -37.32
C TYR B 317 -29.94 35.55 -37.00
N GLU B 318 -30.23 34.92 -35.86
CA GLU B 318 -29.66 33.60 -35.53
C GLU B 318 -30.77 32.62 -35.11
N CYS B 319 -30.62 31.35 -35.45
CA CYS B 319 -31.51 30.30 -34.97
C CYS B 319 -30.86 29.43 -33.89
N TYR B 320 -31.69 28.91 -32.97
CA TYR B 320 -31.20 28.25 -31.77
C TYR B 320 -31.83 26.88 -31.55
N ARG B 321 -31.02 25.98 -31.01
CA ARG B 321 -31.47 24.65 -30.66
C ARG B 321 -31.50 24.57 -29.14
N PHE B 322 -32.33 23.68 -28.63
CA PHE B 322 -32.37 23.38 -27.20
C PHE B 322 -31.38 22.26 -26.85
N GLY B 323 -30.34 22.58 -26.09
CA GLY B 323 -29.30 21.60 -25.82
C GLY B 323 -29.55 20.62 -24.66
N ILE B 324 -30.82 20.29 -24.41
CA ILE B 324 -31.21 19.30 -23.41
C ILE B 324 -32.23 18.43 -24.11
N SER B 325 -32.14 17.10 -23.99
CA SER B 325 -33.08 16.21 -24.67
C SER B 325 -33.51 15.06 -23.72
N PRO B 326 -34.66 14.41 -24.01
CA PRO B 326 -35.10 13.26 -23.20
C PRO B 326 -34.30 11.99 -23.41
N SER B 327 -34.31 11.15 -22.37
CA SER B 327 -33.68 9.84 -22.40
C SER B 327 -34.64 8.87 -21.70
N THR B 328 -34.71 7.62 -22.16
CA THR B 328 -35.51 6.61 -21.44
C THR B 328 -34.76 6.07 -20.22
N ASN B 329 -33.49 5.72 -20.43
CA ASN B 329 -32.65 5.13 -19.39
C ASN B 329 -31.89 6.15 -18.50
N ALA B 330 -30.96 6.88 -19.09
CA ALA B 330 -29.91 7.54 -18.32
C ALA B 330 -30.01 9.05 -18.23
N LEU B 331 -29.39 9.61 -17.19
CA LEU B 331 -29.12 11.05 -17.15
C LEU B 331 -27.66 11.20 -17.57
N VAL B 332 -27.46 11.87 -18.70
CA VAL B 332 -26.14 11.87 -19.31
C VAL B 332 -25.56 13.29 -19.30
N ILE B 333 -24.45 13.47 -18.58
CA ILE B 333 -23.77 14.78 -18.57
C ILE B 333 -22.81 14.85 -19.76
N GLY B 334 -23.37 15.28 -20.90
CA GLY B 334 -22.61 15.36 -22.15
C GLY B 334 -21.98 16.73 -22.41
N ALA B 335 -21.61 16.97 -23.66
CA ALA B 335 -20.81 18.15 -24.07
C ALA B 335 -21.45 19.49 -23.74
N THR B 336 -22.77 19.56 -23.79
CA THR B 336 -23.54 20.75 -23.40
C THR B 336 -23.02 21.28 -22.08
N VAL B 337 -22.83 20.38 -21.14
CA VAL B 337 -22.47 20.69 -19.76
C VAL B 337 -20.97 20.67 -19.56
N MET B 338 -20.28 19.74 -20.24
CA MET B 338 -18.85 19.61 -20.10
C MET B 338 -18.08 20.80 -20.65
N GLU B 339 -18.64 21.50 -21.63
CA GLU B 339 -18.01 22.71 -22.18
C GLU B 339 -17.72 23.76 -21.10
N GLY B 340 -18.45 23.72 -19.99
CA GLY B 340 -18.28 24.73 -18.98
C GLY B 340 -17.28 24.30 -17.94
N PHE B 341 -16.72 23.10 -18.08
CA PHE B 341 -15.88 22.60 -16.99
C PHE B 341 -14.68 21.81 -17.46
N TYR B 342 -13.64 21.87 -16.64
CA TYR B 342 -12.49 21.00 -16.79
C TYR B 342 -12.85 19.79 -15.95
N VAL B 343 -12.85 18.61 -16.54
CA VAL B 343 -13.36 17.43 -15.85
C VAL B 343 -12.24 16.40 -15.70
N ILE B 344 -12.08 15.94 -14.47
CA ILE B 344 -11.01 15.06 -14.07
C ILE B 344 -11.58 13.69 -13.78
N PHE B 345 -11.14 12.74 -14.58
CA PHE B 345 -11.58 11.38 -14.51
C PHE B 345 -10.55 10.62 -13.70
N ASP B 346 -10.61 10.80 -12.38
CA ASP B 346 -9.59 10.30 -11.46
C ASP B 346 -9.90 8.85 -11.09
N ARG B 347 -9.39 7.94 -11.90
CA ARG B 347 -9.77 6.54 -11.83
C ARG B 347 -9.13 5.83 -10.65
N ALA B 348 -7.90 6.25 -10.35
CA ALA B 348 -7.13 5.77 -9.23
C ALA B 348 -7.90 5.88 -7.93
N GLN B 349 -8.68 6.96 -7.79
CA GLN B 349 -9.29 7.28 -6.50
C GLN B 349 -10.81 7.28 -6.56
N LYS B 350 -11.31 6.90 -7.73
CA LYS B 350 -12.70 6.51 -7.90
C LYS B 350 -13.61 7.74 -7.73
N ARG B 351 -13.27 8.79 -8.47
CA ARG B 351 -13.95 10.06 -8.34
C ARG B 351 -13.83 10.93 -9.60
N VAL B 352 -14.79 11.83 -9.79
CA VAL B 352 -14.75 12.74 -10.90
C VAL B 352 -14.60 14.18 -10.39
N GLY B 353 -13.57 14.88 -10.86
CA GLY B 353 -13.37 16.26 -10.44
C GLY B 353 -14.01 17.20 -11.40
N PHE B 354 -14.52 18.32 -10.87
CA PHE B 354 -15.06 19.41 -11.66
C PHE B 354 -14.43 20.73 -11.21
N ALA B 355 -14.08 21.59 -12.16
CA ALA B 355 -13.66 22.97 -11.90
C ALA B 355 -14.02 23.86 -13.10
N ALA B 356 -14.19 25.16 -12.87
CA ALA B 356 -14.56 26.09 -13.94
C ALA B 356 -13.45 26.20 -14.97
N SER B 357 -13.82 26.27 -16.26
CA SER B 357 -12.85 26.40 -17.34
C SER B 357 -12.67 27.85 -17.65
N PRO B 358 -11.41 28.33 -17.62
CA PRO B 358 -11.15 29.67 -18.11
C PRO B 358 -11.78 29.86 -19.48
N CYS B 359 -11.66 28.85 -20.34
CA CYS B 359 -12.03 29.03 -21.75
C CYS B 359 -13.55 29.27 -21.92
N ALA B 360 -14.34 28.76 -20.99
CA ALA B 360 -15.79 28.84 -21.00
C ALA B 360 -16.28 30.25 -20.72
N GLU B 361 -16.07 31.14 -21.68
CA GLU B 361 -16.58 32.48 -21.62
C GLU B 361 -17.01 32.90 -23.01
N ILE B 362 -18.01 33.77 -23.07
CA ILE B 362 -18.30 34.50 -24.30
C ILE B 362 -18.26 35.98 -23.98
N ALA B 363 -17.59 36.74 -24.85
CA ALA B 363 -17.48 38.18 -24.72
C ALA B 363 -17.08 38.56 -23.29
N GLY B 364 -16.02 37.94 -22.77
CA GLY B 364 -15.51 38.27 -21.45
C GLY B 364 -16.37 37.84 -20.27
N ALA B 365 -17.53 37.25 -20.55
CA ALA B 365 -18.43 36.73 -19.51
C ALA B 365 -18.40 35.20 -19.38
N ALA B 366 -18.11 34.73 -18.18
CA ALA B 366 -18.18 33.32 -17.83
C ALA B 366 -19.57 32.72 -18.03
N VAL B 367 -19.64 31.57 -18.69
CA VAL B 367 -20.93 30.93 -18.99
C VAL B 367 -21.21 29.66 -18.17
N SER B 368 -20.41 29.47 -17.13
CA SER B 368 -20.58 28.40 -16.16
C SER B 368 -20.01 28.85 -14.84
N GLU B 369 -20.60 28.29 -13.78
CA GLU B 369 -20.12 28.47 -12.42
C GLU B 369 -20.13 27.13 -11.67
N ILE B 370 -19.19 27.00 -10.72
CA ILE B 370 -19.16 25.93 -9.74
C ILE B 370 -19.07 26.59 -8.38
N SER B 371 -19.82 26.03 -7.41
CA SER B 371 -19.86 26.53 -6.03
C SER B 371 -20.23 25.48 -4.97
N GLY B 372 -19.87 25.80 -3.74
CA GLY B 372 -20.23 24.98 -2.59
C GLY B 372 -19.46 25.40 -1.35
N PRO B 373 -19.70 24.69 -0.23
CA PRO B 373 -20.62 23.55 -0.04
C PRO B 373 -22.08 23.91 0.27
N PHE B 374 -22.98 23.00 -0.05
CA PHE B 374 -24.37 23.10 0.36
C PHE B 374 -24.67 21.86 1.16
N SER B 375 -25.36 22.03 2.28
CA SER B 375 -25.76 20.93 3.13
C SER B 375 -26.65 19.93 2.38
N THR B 376 -26.54 18.67 2.74
CA THR B 376 -27.37 17.62 2.12
C THR B 376 -28.43 17.12 3.11
N GLU B 377 -28.68 17.91 4.16
CA GLU B 377 -29.66 17.55 5.20
C GLU B 377 -31.09 17.33 4.67
N ASP B 378 -31.39 17.86 3.49
CA ASP B 378 -32.73 17.82 2.90
C ASP B 378 -32.93 16.65 1.92
N VAL B 379 -32.00 15.71 1.90
CA VAL B 379 -31.96 14.70 0.84
C VAL B 379 -31.42 13.40 1.43
N ALA B 380 -31.71 12.28 0.78
CA ALA B 380 -31.25 10.98 1.30
C ALA B 380 -29.72 10.84 1.30
N SER B 381 -29.24 9.94 2.14
CA SER B 381 -27.80 9.66 2.25
C SER B 381 -27.33 8.91 1.00
N ASN B 382 -28.25 8.17 0.37
CA ASN B 382 -28.00 7.57 -0.91
C ASN B 382 -29.22 7.72 -1.81
N CYS B 383 -29.04 8.47 -2.89
CA CYS B 383 -30.05 8.69 -3.90
C CYS B 383 -29.94 7.73 -5.07
N VAL B 384 -28.96 6.82 -5.06
CA VAL B 384 -28.83 5.84 -6.16
C VAL B 384 -29.51 4.52 -5.83
N PRO B 385 -30.58 4.18 -6.58
CA PRO B 385 -31.27 2.89 -6.37
C PRO B 385 -30.45 1.71 -6.86
N VAL C 2 9.63 10.85 10.26
CA VAL C 2 8.24 10.33 10.15
C VAL C 2 7.24 11.33 10.75
N GLN C 3 6.45 11.97 9.88
N GLN C 3 6.46 11.97 9.87
CA GLN C 3 5.31 12.77 10.30
CA GLN C 3 5.34 12.86 10.23
C GLN C 3 4.06 12.43 9.47
C GLN C 3 4.05 12.46 9.45
N LEU C 4 2.91 12.50 10.13
CA LEU C 4 1.66 12.04 9.54
C LEU C 4 0.50 12.97 9.88
N GLN C 5 -0.40 13.21 8.93
CA GLN C 5 -1.51 14.14 9.15
C GLN C 5 -2.78 13.66 8.49
N GLU C 6 -3.77 13.34 9.30
CA GLU C 6 -5.04 12.82 8.82
C GLU C 6 -6.03 13.94 8.64
N SER C 7 -6.89 13.81 7.65
CA SER C 7 -8.01 14.75 7.49
C SER C 7 -9.15 14.05 6.77
N GLY C 8 -10.30 14.70 6.72
CA GLY C 8 -11.41 14.08 6.03
C GLY C 8 -12.59 13.79 6.92
N GLY C 9 -12.39 13.76 8.23
CA GLY C 9 -13.46 13.44 9.17
C GLY C 9 -14.57 14.46 9.11
N GLY C 10 -15.55 14.32 9.99
CA GLY C 10 -16.68 15.24 10.02
C GLY C 10 -17.91 14.57 10.56
N LEU C 11 -19.01 15.32 10.59
CA LEU C 11 -20.32 14.75 10.93
C LEU C 11 -21.03 14.26 9.65
N VAL C 12 -21.40 12.98 9.63
CA VAL C 12 -22.13 12.44 8.48
C VAL C 12 -23.33 11.65 8.98
N GLN C 13 -24.35 11.52 8.14
CA GLN C 13 -25.56 10.79 8.48
C GLN C 13 -25.35 9.28 8.30
N PRO C 14 -26.14 8.46 8.99
CA PRO C 14 -25.94 7.01 8.75
C PRO C 14 -26.28 6.64 7.32
N GLY C 15 -25.56 5.67 6.76
CA GLY C 15 -25.68 5.30 5.35
C GLY C 15 -24.84 6.21 4.46
N GLY C 16 -24.30 7.28 5.06
CA GLY C 16 -23.46 8.20 4.36
C GLY C 16 -22.08 7.63 4.05
N SER C 17 -21.16 8.52 3.76
CA SER C 17 -19.95 8.16 3.08
C SER C 17 -18.91 9.26 3.28
N LEU C 18 -17.64 8.90 3.27
CA LEU C 18 -16.58 9.81 3.59
C LEU C 18 -15.27 9.30 3.00
N ARG C 19 -14.35 10.22 2.70
CA ARG C 19 -12.99 9.90 2.32
C ARG C 19 -11.98 10.48 3.30
N LEU C 20 -11.18 9.65 3.98
CA LEU C 20 -10.11 10.17 4.82
C LEU C 20 -8.79 10.16 4.09
N SER C 21 -7.92 11.07 4.51
CA SER C 21 -6.63 11.27 3.89
C SER C 21 -5.54 11.28 4.91
N CYS C 22 -4.41 10.68 4.54
CA CYS C 22 -3.23 10.80 5.36
C CYS C 22 -2.09 11.30 4.53
N ALA C 23 -1.70 12.55 4.76
CA ALA C 23 -0.50 13.06 4.12
C ALA C 23 0.67 12.74 5.03
N ALA C 24 1.70 12.17 4.42
CA ALA C 24 2.89 11.71 5.10
C ALA C 24 4.17 12.44 4.64
N SER C 25 5.04 12.78 5.56
CA SER C 25 6.33 13.40 5.20
C SER C 25 7.46 12.86 6.06
N GLY C 26 8.69 13.10 5.63
CA GLY C 26 9.84 12.82 6.48
C GLY C 26 10.39 11.42 6.45
N PHE C 27 9.96 10.62 5.48
CA PHE C 27 10.44 9.24 5.31
C PHE C 27 9.95 8.82 3.94
N THR C 28 10.44 7.71 3.40
CA THR C 28 9.99 7.34 2.06
C THR C 28 8.70 6.51 2.17
N PHE C 29 7.59 7.22 2.14
CA PHE C 29 6.24 6.67 2.20
C PHE C 29 6.09 5.45 1.31
N SER C 30 6.64 5.52 0.10
CA SER C 30 6.42 4.50 -0.92
C SER C 30 7.04 3.17 -0.52
N SER C 31 7.84 3.18 0.54
CA SER C 31 8.45 1.94 1.06
C SER C 31 7.80 1.36 2.34
N ALA C 32 6.67 1.90 2.75
CA ALA C 32 6.18 1.72 4.10
C ALA C 32 4.85 1.03 4.11
N ILE C 33 4.72 0.01 4.94
CA ILE C 33 3.43 -0.59 5.21
C ILE C 33 2.64 0.48 5.92
N MET C 34 1.41 0.71 5.48
CA MET C 34 0.55 1.73 6.11
C MET C 34 -0.72 1.14 6.74
N THR C 35 -1.12 1.67 7.90
CA THR C 35 -2.27 1.09 8.63
C THR C 35 -3.18 2.15 9.20
N TRP C 36 -4.48 1.95 9.07
CA TRP C 36 -5.49 2.77 9.75
C TRP C 36 -6.00 2.08 11.00
N VAL C 37 -5.96 2.78 12.13
CA VAL C 37 -6.65 2.31 13.35
C VAL C 37 -7.68 3.35 13.82
N ARG C 38 -8.77 2.89 14.41
CA ARG C 38 -9.72 3.83 15.00
C ARG C 38 -9.84 3.61 16.51
N GLN C 39 -10.36 4.63 17.21
CA GLN C 39 -10.62 4.55 18.63
C GLN C 39 -12.01 5.08 18.86
N ALA C 40 -12.98 4.18 19.05
CA ALA C 40 -14.34 4.57 19.36
C ALA C 40 -14.43 5.07 20.83
N PRO C 41 -15.42 5.90 21.15
CA PRO C 41 -15.56 6.30 22.55
C PRO C 41 -15.92 5.10 23.44
N GLY C 42 -15.22 4.95 24.56
CA GLY C 42 -15.58 3.93 25.55
C GLY C 42 -15.25 2.53 25.11
N LYS C 43 -14.40 2.41 24.10
CA LYS C 43 -14.00 1.11 23.63
C LYS C 43 -12.51 1.07 23.46
N GLY C 44 -12.00 -0.14 23.27
CA GLY C 44 -10.58 -0.34 23.00
C GLY C 44 -10.28 0.05 21.56
N ARG C 45 -9.04 0.46 21.32
CA ARG C 45 -8.56 0.71 19.97
C ARG C 45 -8.89 -0.47 19.05
N GLU C 46 -9.30 -0.16 17.82
CA GLU C 46 -9.65 -1.18 16.85
C GLU C 46 -8.90 -0.93 15.54
N TRP C 47 -8.10 -1.92 15.12
CA TRP C 47 -7.55 -1.99 13.76
C TRP C 47 -8.65 -2.00 12.71
N VAL C 48 -8.44 -1.21 11.66
CA VAL C 48 -9.38 -1.05 10.57
C VAL C 48 -8.90 -1.74 9.30
N SER C 49 -7.71 -1.39 8.82
CA SER C 49 -7.24 -1.84 7.51
C SER C 49 -5.74 -1.57 7.35
N THR C 50 -5.05 -2.48 6.66
CA THR C 50 -3.60 -2.35 6.41
C THR C 50 -3.34 -2.45 4.89
N ILE C 51 -2.28 -1.79 4.42
CA ILE C 51 -1.94 -1.82 2.99
C ILE C 51 -0.43 -1.89 2.83
N GLY C 52 0.03 -2.91 2.08
CA GLY C 52 1.44 -3.11 1.81
C GLY C 52 1.97 -1.96 0.96
N SER C 53 3.29 -1.81 0.89
CA SER C 53 3.85 -0.58 0.30
C SER C 53 3.48 -0.38 -1.16
N ASP C 54 3.49 -1.45 -1.95
CA ASP C 54 3.14 -1.36 -3.38
C ASP C 54 1.62 -1.34 -3.59
N GLY C 55 0.88 -1.37 -2.50
CA GLY C 55 -0.56 -1.17 -2.54
C GLY C 55 -1.39 -2.31 -3.09
N SER C 56 -0.77 -3.44 -3.39
CA SER C 56 -1.51 -4.60 -3.92
C SER C 56 -2.05 -5.55 -2.84
N ILE C 57 -1.44 -5.55 -1.65
CA ILE C 57 -1.97 -6.32 -0.51
C ILE C 57 -2.79 -5.41 0.41
N THR C 58 -4.06 -5.71 0.58
CA THR C 58 -4.93 -4.93 1.47
C THR C 58 -5.66 -5.90 2.38
N THR C 59 -5.71 -5.59 3.67
CA THR C 59 -6.44 -6.41 4.65
C THR C 59 -7.42 -5.52 5.41
N TYR C 60 -8.53 -6.10 5.89
CA TYR C 60 -9.59 -5.32 6.54
C TYR C 60 -10.14 -6.01 7.79
N ALA C 61 -10.55 -5.23 8.80
CA ALA C 61 -11.37 -5.76 9.91
C ALA C 61 -12.69 -6.27 9.39
N ASP C 62 -13.17 -7.38 9.93
CA ASP C 62 -14.49 -7.89 9.55
C ASP C 62 -15.56 -6.85 9.67
N SER C 63 -15.53 -6.11 10.77
CA SER C 63 -16.48 -5.00 10.98
C SER C 63 -16.45 -3.89 9.90
N VAL C 64 -15.48 -3.94 8.98
CA VAL C 64 -15.53 -2.97 7.87
C VAL C 64 -15.41 -3.63 6.49
N LYS C 65 -15.16 -4.94 6.49
CA LYS C 65 -15.11 -5.71 5.25
C LYS C 65 -16.30 -5.33 4.37
N GLY C 66 -16.04 -4.87 3.16
CA GLY C 66 -17.13 -4.53 2.25
C GLY C 66 -17.56 -3.07 2.17
N ARG C 67 -17.49 -2.34 3.27
CA ARG C 67 -17.84 -0.92 3.25
C ARG C 67 -16.60 -0.03 3.11
N PHE C 68 -15.46 -0.41 3.72
CA PHE C 68 -14.25 0.48 3.66
C PHE C 68 -13.24 0.08 2.55
N THR C 69 -12.56 1.05 1.95
CA THR C 69 -11.52 0.71 0.98
C THR C 69 -10.26 1.48 1.32
N ILE C 70 -9.16 0.75 1.59
CA ILE C 70 -7.84 1.36 1.80
C ILE C 70 -7.13 1.52 0.45
N SER C 71 -6.38 2.60 0.29
CA SER C 71 -5.71 2.88 -0.97
C SER C 71 -4.60 3.88 -0.71
N ARG C 72 -3.63 3.92 -1.62
CA ARG C 72 -2.50 4.82 -1.47
C ARG C 72 -2.08 5.36 -2.82
N ASP C 73 -1.56 6.57 -2.77
CA ASP C 73 -1.02 7.24 -3.94
C ASP C 73 0.42 7.54 -3.56
N ASN C 74 1.31 6.63 -3.96
CA ASN C 74 2.72 6.66 -3.53
C ASN C 74 3.45 7.89 -4.03
N ALA C 75 3.06 8.35 -5.21
CA ALA C 75 3.67 9.48 -5.87
C ALA C 75 3.38 10.74 -5.08
N ARG C 76 2.26 10.76 -4.37
CA ARG C 76 1.92 11.94 -3.60
C ARG C 76 1.95 11.74 -2.09
N ASN C 77 2.60 10.68 -1.63
CA ASN C 77 2.77 10.41 -0.20
C ASN C 77 1.44 10.54 0.57
N THR C 78 0.37 10.06 -0.04
CA THR C 78 -0.94 10.11 0.58
C THR C 78 -1.56 8.71 0.69
N LEU C 79 -2.12 8.44 1.87
CA LEU C 79 -2.91 7.25 2.14
C LEU C 79 -4.39 7.61 2.23
N TYR C 80 -5.26 6.71 1.77
CA TYR C 80 -6.67 6.97 1.74
C TYR C 80 -7.43 5.91 2.51
N LEU C 81 -8.52 6.33 3.12
CA LEU C 81 -9.55 5.39 3.50
C LEU C 81 -10.87 5.95 2.98
N GLN C 82 -11.49 5.18 2.09
CA GLN C 82 -12.80 5.43 1.58
C GLN C 82 -13.80 4.63 2.42
N MET C 83 -14.85 5.29 2.91
CA MET C 83 -15.79 4.67 3.85
C MET C 83 -17.20 4.86 3.35
N ASN C 84 -17.87 3.76 3.04
CA ASN C 84 -19.27 3.76 2.59
C ASN C 84 -20.20 3.09 3.62
N SER C 85 -21.51 3.28 3.43
CA SER C 85 -22.53 2.82 4.38
C SER C 85 -22.13 3.06 5.82
N LEU C 86 -21.74 4.29 6.17
CA LEU C 86 -21.31 4.59 7.55
C LEU C 86 -22.43 4.28 8.56
N LYS C 87 -22.08 3.82 9.74
CA LYS C 87 -23.09 3.52 10.76
C LYS C 87 -22.66 4.10 12.10
N PRO C 88 -23.60 4.26 13.05
CA PRO C 88 -23.25 5.03 14.25
C PRO C 88 -22.00 4.55 14.99
N GLU C 89 -21.77 3.24 14.95
CA GLU C 89 -20.62 2.62 15.57
C GLU C 89 -19.32 2.72 14.72
N ASP C 90 -19.31 3.58 13.70
CA ASP C 90 -18.05 3.93 13.07
C ASP C 90 -17.55 5.25 13.67
N THR C 91 -18.36 5.84 14.55
CA THR C 91 -17.94 7.02 15.33
C THR C 91 -16.66 6.69 16.08
N ALA C 92 -15.58 7.35 15.70
CA ALA C 92 -14.27 7.07 16.23
C ALA C 92 -13.32 8.13 15.71
N VAL C 93 -12.20 8.29 16.42
CA VAL C 93 -11.04 8.92 15.86
C VAL C 93 -10.28 7.90 15.03
N TYR C 94 -9.95 8.29 13.80
CA TYR C 94 -9.17 7.46 12.89
C TYR C 94 -7.76 7.96 12.81
N TYR C 95 -6.81 7.03 12.95
CA TYR C 95 -5.38 7.31 12.96
C TYR C 95 -4.66 6.54 11.90
N CYS C 96 -3.88 7.28 11.16
CA CYS C 96 -2.97 6.78 10.15
C CYS C 96 -1.70 6.47 10.92
N THR C 97 -1.05 5.35 10.58
CA THR C 97 0.02 4.85 11.44
C THR C 97 1.09 4.03 10.72
N SER C 98 2.34 4.23 11.12
CA SER C 98 3.46 3.56 10.48
C SER C 98 4.72 3.54 11.33
N ALA C 99 5.35 2.39 11.46
CA ALA C 99 6.55 2.22 12.30
C ALA C 99 6.41 2.82 13.70
N GLY C 100 5.30 2.46 14.36
CA GLY C 100 5.03 2.91 15.72
C GLY C 100 4.80 4.41 15.86
N ARG C 101 4.63 5.10 14.73
CA ARG C 101 4.23 6.49 14.74
C ARG C 101 2.78 6.68 14.24
N ARG C 102 2.13 7.72 14.71
CA ARG C 102 0.79 8.06 14.22
C ARG C 102 0.66 9.57 14.05
N GLY C 103 -0.38 10.00 13.35
CA GLY C 103 -0.81 11.39 13.34
C GLY C 103 -1.77 11.77 14.48
N PRO C 104 -2.22 13.04 14.48
CA PRO C 104 -3.07 13.53 15.56
C PRO C 104 -4.50 12.99 15.50
N GLY C 105 -4.88 12.42 14.36
CA GLY C 105 -6.18 11.78 14.19
C GLY C 105 -7.18 12.67 13.49
N THR C 106 -8.26 12.06 12.99
CA THR C 106 -9.40 12.81 12.50
C THR C 106 -10.68 12.16 13.01
N GLN C 107 -11.50 12.94 13.70
CA GLN C 107 -12.70 12.42 14.30
C GLN C 107 -13.81 12.24 13.25
N VAL C 108 -14.51 11.12 13.35
CA VAL C 108 -15.65 10.87 12.48
C VAL C 108 -16.85 10.68 13.38
N THR C 109 -17.90 11.44 13.12
CA THR C 109 -19.12 11.33 13.91
C THR C 109 -20.28 10.99 13.02
N VAL C 110 -20.94 9.89 13.34
CA VAL C 110 -22.09 9.42 12.55
C VAL C 110 -23.27 9.37 13.51
N SER C 111 -24.19 10.32 13.38
CA SER C 111 -25.24 10.44 14.37
C SER C 111 -26.44 9.56 14.03
N GLN D 1 -10.06 -15.20 -10.95
CA GLN D 1 -9.36 -16.31 -11.66
C GLN D 1 -8.04 -15.85 -12.29
N VAL D 2 -8.03 -14.69 -12.93
CA VAL D 2 -6.79 -14.14 -13.51
C VAL D 2 -5.63 -14.24 -12.52
N GLN D 3 -4.69 -15.13 -12.81
CA GLN D 3 -3.50 -15.34 -11.97
C GLN D 3 -2.20 -15.11 -12.79
N LEU D 4 -1.22 -14.45 -12.17
CA LEU D 4 0.14 -14.26 -12.75
C LEU D 4 1.20 -14.47 -11.68
N GLN D 5 2.32 -15.06 -12.05
CA GLN D 5 3.38 -15.34 -11.08
C GLN D 5 4.75 -15.26 -11.74
N GLU D 6 5.50 -14.22 -11.38
CA GLU D 6 6.84 -14.01 -11.90
C GLU D 6 7.79 -14.86 -11.09
N SER D 7 8.92 -15.20 -11.70
CA SER D 7 10.03 -15.81 -11.00
C SER D 7 11.32 -15.69 -11.82
N GLY D 8 12.44 -16.10 -11.22
CA GLY D 8 13.69 -16.12 -11.95
C GLY D 8 14.61 -14.95 -11.63
N GLY D 9 14.15 -14.02 -10.80
CA GLY D 9 14.97 -12.86 -10.42
C GLY D 9 16.16 -13.26 -9.55
N GLY D 10 16.88 -12.29 -9.05
CA GLY D 10 18.02 -12.60 -8.20
C GLY D 10 19.02 -11.46 -8.17
N LEU D 11 20.19 -11.74 -7.61
CA LEU D 11 21.22 -10.73 -7.47
C LEU D 11 22.38 -11.20 -8.26
N VAL D 12 22.78 -10.38 -9.23
CA VAL D 12 23.90 -10.71 -10.13
C VAL D 12 24.94 -9.56 -10.16
N GLN D 13 26.12 -9.86 -10.67
CA GLN D 13 27.17 -8.87 -10.82
C GLN D 13 26.90 -8.06 -12.10
N PRO D 14 27.43 -6.82 -12.18
CA PRO D 14 27.20 -6.07 -13.43
C PRO D 14 27.67 -6.83 -14.65
N GLY D 15 26.88 -6.79 -15.73
CA GLY D 15 27.21 -7.54 -16.93
C GLY D 15 26.66 -8.94 -16.84
N GLY D 16 25.98 -9.24 -15.74
CA GLY D 16 25.43 -10.57 -15.53
C GLY D 16 24.17 -10.75 -16.34
N SER D 17 23.57 -11.94 -16.25
CA SER D 17 22.36 -12.25 -17.01
C SER D 17 21.36 -12.88 -16.08
N LEU D 18 20.09 -12.85 -16.49
CA LEU D 18 19.03 -13.49 -15.77
C LEU D 18 17.96 -13.80 -16.80
N ARG D 19 17.16 -14.81 -16.53
CA ARG D 19 16.01 -15.07 -17.37
C ARG D 19 14.78 -15.08 -16.49
N LEU D 20 13.87 -14.09 -16.69
CA LEU D 20 12.62 -14.03 -15.93
C LEU D 20 11.49 -14.80 -16.60
N SER D 21 10.58 -15.32 -15.78
CA SER D 21 9.39 -16.01 -16.29
C SER D 21 8.11 -15.56 -15.61
N CYS D 22 7.06 -15.49 -16.40
CA CYS D 22 5.73 -15.24 -15.89
C CYS D 22 4.78 -16.35 -16.31
N ALA D 23 4.33 -17.13 -15.34
CA ALA D 23 3.30 -18.16 -15.53
C ALA D 23 1.92 -17.55 -15.35
N ALA D 24 1.07 -17.74 -16.35
CA ALA D 24 -0.22 -17.11 -16.39
C ALA D 24 -1.34 -18.17 -16.29
N SER D 25 -2.48 -17.81 -15.71
CA SER D 25 -3.69 -18.65 -15.73
C SER D 25 -4.96 -17.84 -15.51
N GLY D 26 -6.10 -18.41 -15.91
CA GLY D 26 -7.41 -17.81 -15.61
C GLY D 26 -7.88 -16.84 -16.68
N PHE D 27 -7.25 -16.89 -17.85
CA PHE D 27 -7.65 -16.04 -18.96
C PHE D 27 -7.07 -16.63 -20.22
N THR D 28 -7.49 -16.17 -21.39
CA THR D 28 -6.95 -16.69 -22.64
C THR D 28 -5.61 -16.01 -22.92
N PHE D 29 -4.54 -16.72 -22.58
CA PHE D 29 -3.20 -16.16 -22.73
C PHE D 29 -2.82 -15.84 -24.19
N SER D 30 -3.23 -16.71 -25.12
CA SER D 30 -2.83 -16.57 -26.52
C SER D 30 -3.43 -15.32 -27.16
N SER D 31 -4.44 -14.73 -26.49
CA SER D 31 -5.05 -13.47 -26.92
C SER D 31 -4.57 -12.20 -26.20
N ALA D 32 -3.77 -12.35 -25.16
CA ALA D 32 -3.38 -11.19 -24.36
C ALA D 32 -2.07 -10.56 -24.81
N ILE D 33 -2.12 -9.25 -25.03
CA ILE D 33 -0.89 -8.46 -25.07
C ILE D 33 -0.35 -8.54 -23.67
N MET D 34 0.92 -8.94 -23.55
CA MET D 34 1.66 -9.04 -22.29
C MET D 34 2.78 -7.97 -22.22
N THR D 35 3.08 -7.50 -21.03
CA THR D 35 3.99 -6.39 -20.78
C THR D 35 4.82 -6.70 -19.54
N TRP D 36 6.11 -6.37 -19.58
CA TRP D 36 6.94 -6.33 -18.36
C TRP D 36 7.11 -4.90 -17.88
N VAL D 37 6.89 -4.67 -16.58
CA VAL D 37 7.18 -3.38 -15.97
C VAL D 37 8.16 -3.55 -14.83
N ARG D 38 8.86 -2.48 -14.50
CA ARG D 38 9.74 -2.51 -13.32
C ARG D 38 9.60 -1.29 -12.41
N GLN D 39 9.92 -1.49 -11.13
CA GLN D 39 9.73 -0.50 -10.12
C GLN D 39 10.94 -0.50 -9.16
N ALA D 40 11.76 0.53 -9.17
CA ALA D 40 12.83 0.66 -8.16
C ALA D 40 12.31 1.52 -7.01
N PRO D 41 12.82 1.30 -5.78
CA PRO D 41 12.34 2.10 -4.64
C PRO D 41 12.69 3.58 -4.81
N GLY D 42 11.75 4.43 -4.42
CA GLY D 42 11.91 5.87 -4.57
C GLY D 42 11.65 6.37 -5.98
N LYS D 43 11.57 5.45 -6.94
CA LYS D 43 11.39 5.83 -8.35
C LYS D 43 9.97 5.56 -8.86
N GLY D 44 9.69 6.12 -10.03
CA GLY D 44 8.41 5.94 -10.69
C GLY D 44 8.47 4.65 -11.48
N ARG D 45 7.36 3.94 -11.54
CA ARG D 45 7.22 2.71 -12.32
C ARG D 45 7.79 2.90 -13.73
N GLU D 46 8.49 1.90 -14.24
CA GLU D 46 9.06 2.08 -15.56
C GLU D 46 8.71 0.91 -16.48
N TRP D 47 8.12 1.23 -17.62
CA TRP D 47 7.74 0.22 -18.61
C TRP D 47 9.00 -0.30 -19.26
N VAL D 48 9.09 -1.62 -19.41
CA VAL D 48 10.28 -2.29 -19.91
C VAL D 48 10.03 -2.75 -21.34
N SER D 49 9.02 -3.61 -21.49
CA SER D 49 8.85 -4.27 -22.75
C SER D 49 7.42 -4.81 -22.91
N THR D 50 6.96 -4.86 -24.15
CA THR D 50 5.62 -5.37 -24.44
C THR D 50 5.72 -6.34 -25.64
N ILE D 51 4.89 -7.38 -25.61
CA ILE D 51 4.85 -8.38 -26.68
C ILE D 51 3.40 -8.71 -27.07
N GLY D 52 3.13 -8.78 -28.38
CA GLY D 52 1.78 -8.96 -28.91
C GLY D 52 1.35 -10.41 -28.71
N SER D 53 0.09 -10.73 -28.95
CA SER D 53 -0.42 -12.03 -28.54
C SER D 53 0.23 -13.21 -29.27
N ASP D 54 0.43 -13.11 -30.58
CA ASP D 54 1.10 -14.21 -31.30
C ASP D 54 2.62 -14.22 -31.07
N GLY D 55 3.13 -13.18 -30.39
CA GLY D 55 4.55 -13.13 -30.04
C GLY D 55 5.52 -12.60 -31.09
N SER D 56 5.01 -12.04 -32.18
CA SER D 56 5.89 -11.54 -33.25
C SER D 56 6.22 -10.05 -33.15
N ILE D 57 5.36 -9.27 -32.49
CA ILE D 57 5.57 -7.84 -32.34
C ILE D 57 6.09 -7.60 -30.94
N THR D 58 7.23 -6.95 -30.85
CA THR D 58 7.84 -6.72 -29.59
C THR D 58 8.32 -5.27 -29.59
N THR D 59 8.18 -4.61 -28.43
CA THR D 59 8.62 -3.23 -28.25
C THR D 59 9.41 -3.18 -26.94
N TYR D 60 10.34 -2.21 -26.86
CA TYR D 60 11.24 -2.09 -25.72
C TYR D 60 11.42 -0.64 -25.29
N ALA D 61 11.76 -0.43 -24.01
CA ALA D 61 12.17 0.89 -23.56
C ALA D 61 13.58 1.21 -24.12
N ASP D 62 13.86 2.48 -24.45
CA ASP D 62 15.21 2.84 -24.90
C ASP D 62 16.29 2.39 -23.93
N SER D 63 16.03 2.49 -22.62
CA SER D 63 16.97 2.00 -21.59
C SER D 63 17.32 0.49 -21.67
N VAL D 64 16.52 -0.33 -22.34
CA VAL D 64 16.89 -1.75 -22.35
C VAL D 64 17.14 -2.35 -23.72
N LYS D 65 16.87 -1.56 -24.76
CA LYS D 65 17.02 -1.98 -26.13
C LYS D 65 18.37 -2.62 -26.39
N GLY D 66 18.36 -3.73 -27.12
CA GLY D 66 19.58 -4.48 -27.40
C GLY D 66 20.17 -5.27 -26.24
N ARG D 67 19.67 -5.08 -25.01
CA ARG D 67 20.19 -5.91 -23.89
C ARG D 67 19.19 -6.95 -23.44
N PHE D 68 17.90 -6.61 -23.46
CA PHE D 68 16.80 -7.51 -23.02
C PHE D 68 16.03 -8.07 -24.20
N THR D 69 15.50 -9.29 -24.06
CA THR D 69 14.64 -9.87 -25.08
C THR D 69 13.38 -10.43 -24.47
N ILE D 70 12.23 -9.88 -24.84
CA ILE D 70 10.95 -10.45 -24.47
C ILE D 70 10.56 -11.60 -25.42
N SER D 71 9.89 -12.61 -24.87
CA SER D 71 9.28 -13.70 -25.67
C SER D 71 8.17 -14.39 -24.85
N ARG D 72 7.50 -15.37 -25.45
CA ARG D 72 6.32 -15.98 -24.86
C ARG D 72 6.10 -17.37 -25.46
N ASP D 73 5.50 -18.27 -24.70
CA ASP D 73 5.16 -19.60 -25.16
C ASP D 73 3.65 -19.76 -24.95
N ASN D 74 2.88 -19.51 -26.01
CA ASN D 74 1.43 -19.55 -25.86
C ASN D 74 0.87 -20.92 -25.42
N ALA D 75 1.52 -22.00 -25.86
CA ALA D 75 1.10 -23.35 -25.53
C ALA D 75 1.47 -23.71 -24.09
N ARG D 76 2.25 -22.85 -23.44
CA ARG D 76 2.70 -23.08 -22.07
C ARG D 76 2.26 -21.99 -21.10
N ASN D 77 1.44 -21.07 -21.58
CA ASN D 77 0.99 -19.94 -20.77
C ASN D 77 2.13 -19.21 -20.06
N THR D 78 3.25 -19.07 -20.74
CA THR D 78 4.40 -18.44 -20.12
C THR D 78 4.99 -17.31 -20.97
N LEU D 79 5.39 -16.25 -20.26
CA LEU D 79 6.05 -15.08 -20.80
C LEU D 79 7.45 -15.06 -20.22
N TYR D 80 8.45 -14.74 -21.03
CA TYR D 80 9.84 -14.65 -20.55
C TYR D 80 10.41 -13.26 -20.74
N LEU D 81 11.45 -12.92 -19.97
CA LEU D 81 12.27 -11.77 -20.26
C LEU D 81 13.74 -12.17 -20.08
N GLN D 82 14.50 -12.08 -21.17
CA GLN D 82 15.88 -12.47 -21.15
C GLN D 82 16.74 -11.22 -20.95
N MET D 83 17.46 -11.16 -19.85
CA MET D 83 18.21 -9.95 -19.52
C MET D 83 19.72 -10.21 -19.60
N ASN D 84 20.42 -9.50 -20.50
CA ASN D 84 21.88 -9.60 -20.60
C ASN D 84 22.49 -8.22 -20.30
N SER D 85 23.81 -8.18 -20.12
CA SER D 85 24.51 -6.95 -19.81
C SER D 85 23.90 -6.22 -18.64
N LEU D 86 23.51 -6.93 -17.59
CA LEU D 86 22.79 -6.29 -16.50
C LEU D 86 23.63 -5.17 -15.91
N LYS D 87 22.95 -4.12 -15.43
CA LYS D 87 23.68 -3.02 -14.82
C LYS D 87 22.98 -2.48 -13.58
N PRO D 88 23.70 -1.69 -12.76
CA PRO D 88 23.17 -1.16 -11.49
C PRO D 88 21.74 -0.65 -11.61
N GLU D 89 21.54 0.16 -12.64
CA GLU D 89 20.30 0.83 -13.01
C GLU D 89 19.12 -0.09 -13.32
N ASP D 90 19.41 -1.35 -13.62
CA ASP D 90 18.41 -2.35 -13.87
C ASP D 90 17.81 -2.91 -12.59
N THR D 91 18.39 -2.54 -11.44
CA THR D 91 17.85 -2.97 -10.11
C THR D 91 16.41 -2.47 -9.92
N ALA D 92 15.51 -3.42 -9.66
CA ALA D 92 14.08 -3.14 -9.59
C ALA D 92 13.32 -4.44 -9.31
N VAL D 93 12.06 -4.34 -8.91
CA VAL D 93 11.18 -5.52 -8.92
C VAL D 93 10.55 -5.49 -10.28
N TYR D 94 10.51 -6.63 -10.96
CA TYR D 94 9.97 -6.70 -12.32
C TYR D 94 8.62 -7.41 -12.27
N TYR D 95 7.61 -6.81 -12.86
CA TYR D 95 6.29 -7.38 -12.84
C TYR D 95 5.86 -7.65 -14.25
N CYS D 96 5.14 -8.73 -14.36
CA CYS D 96 4.48 -9.13 -15.56
C CYS D 96 3.04 -8.66 -15.44
N THR D 97 2.48 -8.11 -16.50
CA THR D 97 1.17 -7.50 -16.43
C THR D 97 0.30 -7.66 -17.69
N SER D 98 -1.00 -7.69 -17.48
CA SER D 98 -1.91 -7.62 -18.61
C SER D 98 -3.23 -7.05 -18.18
N ALA D 99 -3.75 -6.11 -18.98
CA ALA D 99 -5.07 -5.57 -18.80
C ALA D 99 -5.25 -5.07 -17.37
N GLY D 100 -4.25 -4.33 -16.88
CA GLY D 100 -4.32 -3.67 -15.58
C GLY D 100 -4.04 -4.56 -14.39
N ARG D 101 -3.90 -5.86 -14.64
CA ARG D 101 -3.54 -6.83 -13.60
C ARG D 101 -2.06 -7.12 -13.64
N ARG D 102 -1.48 -7.40 -12.48
CA ARG D 102 -0.08 -7.68 -12.40
C ARG D 102 0.22 -8.72 -11.34
N GLY D 103 1.33 -9.45 -11.50
CA GLY D 103 1.76 -10.42 -10.50
C GLY D 103 2.53 -9.81 -9.33
N PRO D 104 2.91 -10.64 -8.33
CA PRO D 104 3.62 -10.23 -7.11
C PRO D 104 4.96 -9.55 -7.40
N GLY D 105 5.59 -9.94 -8.51
CA GLY D 105 6.88 -9.41 -8.92
C GLY D 105 8.03 -10.34 -8.61
N THR D 106 9.19 -10.05 -9.21
CA THR D 106 10.41 -10.79 -8.97
C THR D 106 11.56 -9.77 -8.84
N GLN D 107 12.27 -9.83 -7.72
CA GLN D 107 13.26 -8.83 -7.42
C GLN D 107 14.54 -9.07 -8.25
N VAL D 108 15.08 -8.01 -8.84
CA VAL D 108 16.37 -8.09 -9.55
C VAL D 108 17.30 -7.08 -8.93
N THR D 109 18.43 -7.53 -8.39
CA THR D 109 19.45 -6.62 -7.84
C THR D 109 20.72 -6.80 -8.66
N VAL D 110 21.46 -5.71 -8.91
CA VAL D 110 22.73 -5.81 -9.65
C VAL D 110 23.85 -5.13 -8.88
N SER D 111 24.74 -5.93 -8.29
CA SER D 111 25.72 -5.43 -7.31
C SER D 111 27.04 -6.18 -7.38
N SER D 112 28.12 -5.53 -6.96
CA SER D 112 29.39 -6.25 -6.79
C SER D 112 29.74 -6.46 -5.32
N HIS D 113 29.15 -5.66 -4.46
CA HIS D 113 29.46 -5.72 -3.05
C HIS D 113 28.96 -7.01 -2.47
N HIS D 114 27.68 -7.31 -2.67
CA HIS D 114 27.09 -8.49 -2.05
C HIS D 114 26.94 -9.61 -3.06
N HIS D 115 26.88 -10.86 -2.58
CA HIS D 115 26.82 -12.01 -3.46
C HIS D 115 25.75 -13.01 -3.00
N HIS D 116 24.89 -13.41 -3.93
CA HIS D 116 23.83 -14.38 -3.63
C HIS D 116 24.42 -15.77 -3.38
N HIS D 117 24.33 -16.26 -2.15
CA HIS D 117 24.78 -17.61 -1.85
C HIS D 117 23.95 -18.67 -2.60
N HIS D 118 24.65 -19.58 -3.29
CA HIS D 118 24.05 -20.76 -3.93
C HIS D 118 24.87 -22.00 -3.58
N GLU D 119 24.19 -23.05 -3.11
CA GLU D 119 24.81 -24.37 -2.93
C GLU D 119 23.74 -25.41 -3.31
N PRO D 120 24.15 -26.65 -3.66
CA PRO D 120 23.14 -27.67 -4.01
C PRO D 120 22.07 -27.94 -2.93
N GLU D 121 20.87 -28.35 -3.35
CA GLU D 121 19.77 -28.60 -2.40
C GLU D 121 19.78 -30.05 -1.91
#